data_5SZ9
#
_entry.id   5SZ9
#
_cell.length_a   140.129
_cell.length_b   140.129
_cell.length_c   140.129
_cell.angle_alpha   90.000
_cell.angle_beta   90.000
_cell.angle_gamma   90.000
#
_symmetry.space_group_name_H-M   'P 21 3'
#
loop_
_entity.id
_entity.type
_entity.pdbx_description
1 polymer Renin
2 non-polymer 2-acetamido-2-deoxy-beta-D-glucopyranose
3 non-polymer (azepan-1-yl)(2-{[(furan-2-yl)methyl]amino}-6-methylpyridin-3-yl)methanone
4 non-polymer DI(HYDROXYETHYL)ETHER
5 non-polymer 'TRIETHYLENE GLYCOL'
6 water water
#
_entity_poly.entity_id   1
_entity_poly.type   'polypeptide(L)'
_entity_poly.pdbx_seq_one_letter_code
;TLGNTTSSVILTNYMDTQYYGEIGIGTPPQTFKVVFDTGSSNVWVPSSKCSRLYTACVYHKLFDASDSSSYKHNGTELTL
RYSTGTVSGFLSQDIITVGGITVTQMFGEVTEMPALPFMLAEFDGVVGMGFIEQAIGRVTPIFDNIISQGVLKEDVFSFY
YNRDSENSQSLGGQIVLGGSDPQHYEGNFHYINLIKTGVWQIQMKGVSVGSSTLLCEDGCLALVDTGASYISGSTSSIEK
LMEALGAKKRLFDYVVKCNEGPTLPDISFHLGGKEYTLTSADYVFQESYSSKKLCTLAIHAMDIPPPTGPTWALGATFIR
KFYTEFDRRNNRIGFALAR
;
_entity_poly.pdbx_strand_id   A,B
#
loop_
_chem_comp.id
_chem_comp.type
_chem_comp.name
_chem_comp.formula
74Y non-polymer (azepan-1-yl)(2-{[(furan-2-yl)methyl]amino}-6-methylpyridin-3-yl)methanone 'C18 H23 N3 O2'
NAG D-saccharide, beta linking 2-acetamido-2-deoxy-beta-D-glucopyranose 'C8 H15 N O6'
PEG non-polymer DI(HYDROXYETHYL)ETHER 'C4 H10 O3'
PGE non-polymer 'TRIETHYLENE GLYCOL' 'C6 H14 O4'
#
# COMPACT_ATOMS: atom_id res chain seq x y z
N GLY A 3 -7.05 -26.01 -23.48
CA GLY A 3 -6.30 -25.84 -22.20
C GLY A 3 -5.21 -24.81 -22.34
N ASN A 4 -5.56 -23.65 -22.89
CA ASN A 4 -4.61 -22.51 -23.06
C ASN A 4 -5.21 -21.11 -22.94
N THR A 5 -6.44 -21.01 -22.42
CA THR A 5 -7.04 -19.72 -22.10
C THR A 5 -6.56 -19.26 -20.73
N THR A 6 -6.24 -17.97 -20.64
CA THR A 6 -6.15 -17.23 -19.39
C THR A 6 -7.04 -16.02 -19.57
N SER A 7 -7.89 -15.78 -18.57
CA SER A 7 -8.82 -14.68 -18.64
C SER A 7 -8.82 -13.87 -17.35
N SER A 8 -9.27 -12.63 -17.44
CA SER A 8 -9.32 -11.75 -16.26
C SER A 8 -10.71 -11.16 -16.04
N VAL A 9 -10.99 -10.86 -14.77
CA VAL A 9 -12.17 -10.10 -14.35
C VAL A 9 -11.68 -8.79 -13.71
N ILE A 10 -12.13 -7.65 -14.27
CA ILE A 10 -11.84 -6.32 -13.70
C ILE A 10 -12.74 -6.03 -12.49
N LEU A 11 -12.12 -5.54 -11.40
CA LEU A 11 -12.86 -5.22 -10.17
C LEU A 11 -12.86 -3.73 -9.86
N THR A 12 -13.95 -3.28 -9.21
CA THR A 12 -14.05 -1.93 -8.67
C THR A 12 -13.80 -2.02 -7.18
N ASN A 13 -12.99 -1.08 -6.69
CA ASN A 13 -12.69 -0.88 -5.27
C ASN A 13 -13.61 0.18 -4.70
N TYR A 14 -14.62 -0.24 -3.94
CA TYR A 14 -15.45 0.68 -3.15
C TYR A 14 -14.92 0.79 -1.72
N MET A 15 -14.27 1.92 -1.45
CA MET A 15 -13.78 2.34 -0.12
C MET A 15 -12.88 1.36 0.63
N ASP A 16 -12.12 0.55 -0.11
CA ASP A 16 -11.27 -0.55 0.41
C ASP A 16 -12.01 -1.68 1.13
N THR A 17 -13.34 -1.69 1.04
CA THR A 17 -14.17 -2.65 1.78
C THR A 17 -14.92 -3.60 0.85
N GLN A 18 -15.27 -3.11 -0.33
CA GLN A 18 -16.05 -3.89 -1.28
C GLN A 18 -15.33 -3.97 -2.60
N TYR A 19 -15.01 -5.19 -3.03
CA TYR A 19 -14.35 -5.43 -4.30
C TYR A 19 -15.24 -6.32 -5.16
N TYR A 20 -15.69 -5.75 -6.28
CA TYR A 20 -16.67 -6.42 -7.13
C TYR A 20 -16.37 -6.27 -8.60
N GLY A 21 -16.68 -7.32 -9.36
CA GLY A 21 -16.64 -7.29 -10.81
C GLY A 21 -18.03 -7.50 -11.37
N GLU A 22 -18.10 -7.57 -12.70
CA GLU A 22 -19.36 -7.74 -13.41
C GLU A 22 -19.44 -9.09 -14.08
N ILE A 23 -20.62 -9.69 -14.00
CA ILE A 23 -20.94 -10.93 -14.73
C ILE A 23 -22.26 -10.76 -15.48
N GLY A 24 -22.46 -11.51 -16.54
CA GLY A 24 -23.74 -11.53 -17.25
C GLY A 24 -24.48 -12.83 -17.01
N ILE A 25 -25.79 -12.75 -16.76
CA ILE A 25 -26.64 -13.95 -16.65
C ILE A 25 -27.83 -13.92 -17.62
N GLY A 26 -27.93 -14.98 -18.43
CA GLY A 26 -29.06 -15.16 -19.34
C GLY A 26 -28.81 -14.73 -20.76
N THR A 27 -29.83 -14.95 -21.59
CA THR A 27 -29.87 -14.50 -22.98
C THR A 27 -31.10 -13.59 -23.16
N PRO A 28 -30.91 -12.31 -23.49
CA PRO A 28 -29.59 -11.64 -23.56
C PRO A 28 -28.99 -11.43 -22.16
N PRO A 29 -27.67 -11.10 -22.07
CA PRO A 29 -27.00 -11.04 -20.77
C PRO A 29 -27.56 -9.92 -19.88
N GLN A 30 -27.97 -10.30 -18.68
CA GLN A 30 -28.35 -9.35 -17.64
C GLN A 30 -27.13 -9.16 -16.74
N THR A 31 -26.69 -7.92 -16.54
CA THR A 31 -25.42 -7.69 -15.82
C THR A 31 -25.62 -7.48 -14.33
N PHE A 32 -24.72 -8.10 -13.55
CA PHE A 32 -24.73 -7.99 -12.10
C PHE A 32 -23.35 -7.63 -11.54
N LYS A 33 -23.33 -6.73 -10.55
CA LYS A 33 -22.14 -6.46 -9.76
C LYS A 33 -22.05 -7.57 -8.71
N VAL A 34 -20.96 -8.33 -8.75
CA VAL A 34 -20.80 -9.49 -7.85
C VAL A 34 -19.47 -9.48 -7.12
N VAL A 35 -19.49 -10.03 -5.90
CA VAL A 35 -18.29 -10.28 -5.10
C VAL A 35 -17.80 -11.70 -5.37
N PHE A 36 -16.51 -11.84 -5.63
CA PHE A 36 -15.89 -13.14 -5.80
C PHE A 36 -15.29 -13.59 -4.48
N ASP A 37 -15.88 -14.65 -3.93
CA ASP A 37 -15.71 -15.00 -2.52
C ASP A 37 -15.20 -16.43 -2.31
N THR A 38 -13.94 -16.54 -1.90
CA THR A 38 -13.30 -17.83 -1.62
C THR A 38 -13.82 -18.49 -0.34
N GLY A 39 -14.58 -17.71 0.45
CA GLY A 39 -15.14 -18.17 1.72
C GLY A 39 -16.37 -19.04 1.56
N SER A 40 -17.08 -18.87 0.44
CA SER A 40 -18.32 -19.61 0.15
C SER A 40 -18.27 -20.20 -1.27
N SER A 41 -19.34 -20.90 -1.69
CA SER A 41 -19.32 -21.64 -2.96
C SER A 41 -20.55 -21.48 -3.87
N ASN A 42 -21.60 -20.84 -3.39
CA ASN A 42 -22.81 -20.68 -4.18
C ASN A 42 -22.80 -19.41 -5.02
N VAL A 43 -23.42 -19.45 -6.20
CA VAL A 43 -23.69 -18.24 -6.97
C VAL A 43 -25.12 -17.77 -6.64
N TRP A 44 -25.26 -16.50 -6.31
CA TRP A 44 -26.58 -15.90 -6.14
C TRP A 44 -26.60 -14.46 -6.55
N VAL A 45 -27.72 -14.04 -7.12
CA VAL A 45 -28.02 -12.64 -7.39
C VAL A 45 -29.45 -12.43 -6.91
N PRO A 46 -29.90 -11.16 -6.74
CA PRO A 46 -31.30 -10.96 -6.35
C PRO A 46 -32.26 -11.32 -7.48
N SER A 47 -33.44 -11.81 -7.12
CA SER A 47 -34.45 -12.25 -8.09
C SER A 47 -35.51 -11.20 -8.34
N SER A 48 -36.05 -11.18 -9.56
CA SER A 48 -37.23 -10.37 -9.87
C SER A 48 -38.43 -10.81 -9.02
N LYS A 49 -38.34 -12.03 -8.49
CA LYS A 49 -39.38 -12.58 -7.63
C LYS A 49 -39.25 -12.17 -6.16
N CYS A 50 -38.24 -11.35 -5.84
CA CYS A 50 -38.07 -10.80 -4.49
C CYS A 50 -39.13 -9.74 -4.19
N SER A 51 -39.88 -9.96 -3.12
CA SER A 51 -40.85 -8.99 -2.62
C SER A 51 -40.22 -7.62 -2.54
N ARG A 52 -40.94 -6.64 -3.08
CA ARG A 52 -40.46 -5.26 -3.09
C ARG A 52 -40.42 -4.60 -1.70
N LEU A 53 -40.95 -5.29 -0.70
CA LEU A 53 -40.89 -4.86 0.70
C LEU A 53 -39.50 -5.07 1.30
N TYR A 54 -38.71 -5.94 0.66
CA TYR A 54 -37.25 -5.98 0.83
C TYR A 54 -36.61 -4.86 0.02
N THR A 55 -36.28 -3.76 0.69
CA THR A 55 -35.72 -2.57 0.06
C THR A 55 -34.39 -2.83 -0.67
N ALA A 56 -33.64 -3.81 -0.21
CA ALA A 56 -32.43 -4.27 -0.91
C ALA A 56 -32.75 -4.68 -2.35
N CYS A 57 -33.95 -5.22 -2.56
CA CYS A 57 -34.40 -5.61 -3.90
C CYS A 57 -34.89 -4.43 -4.73
N VAL A 58 -35.33 -3.36 -4.05
CA VAL A 58 -35.69 -2.12 -4.73
C VAL A 58 -34.42 -1.43 -5.27
N TYR A 59 -33.31 -1.58 -4.56
CA TYR A 59 -32.07 -0.86 -4.84
C TYR A 59 -31.02 -1.63 -5.64
N HIS A 60 -31.16 -2.96 -5.72
CA HIS A 60 -30.24 -3.77 -6.52
C HIS A 60 -30.83 -4.26 -7.83
N LYS A 61 -29.92 -4.72 -8.70
CA LYS A 61 -30.29 -5.35 -9.95
C LYS A 61 -30.94 -6.70 -9.66
N LEU A 62 -32.02 -6.99 -10.36
CA LEU A 62 -32.76 -8.27 -10.20
C LEU A 62 -32.70 -9.13 -11.46
N PHE A 63 -32.48 -10.44 -11.28
CA PHE A 63 -32.55 -11.35 -12.42
C PHE A 63 -33.99 -11.67 -12.75
N ASP A 64 -34.39 -11.31 -13.97
CA ASP A 64 -35.72 -11.63 -14.44
C ASP A 64 -35.64 -12.83 -15.38
N ALA A 65 -35.95 -14.00 -14.83
CA ALA A 65 -36.02 -15.26 -15.57
C ALA A 65 -36.93 -15.19 -16.80
N SER A 66 -37.97 -14.34 -16.72
CA SER A 66 -38.90 -14.12 -17.82
C SER A 66 -38.33 -13.37 -19.03
N ASP A 67 -37.16 -12.77 -18.85
CA ASP A 67 -36.48 -12.07 -19.94
C ASP A 67 -35.31 -12.87 -20.52
N SER A 68 -35.09 -14.08 -19.99
CA SER A 68 -34.03 -14.97 -20.48
C SER A 68 -34.57 -16.18 -21.23
N SER A 69 -34.09 -16.37 -22.46
CA SER A 69 -34.48 -17.54 -23.26
C SER A 69 -33.68 -18.80 -22.89
N SER A 70 -32.56 -18.62 -22.20
CA SER A 70 -31.68 -19.72 -21.84
C SER A 70 -31.90 -20.22 -20.41
N TYR A 71 -32.80 -19.56 -19.69
CA TYR A 71 -33.23 -19.99 -18.36
C TYR A 71 -33.75 -21.43 -18.33
N LYS A 72 -33.42 -22.12 -17.24
CA LYS A 72 -33.94 -23.46 -16.96
C LYS A 72 -34.35 -23.56 -15.49
N HIS A 73 -35.64 -23.81 -15.27
CA HIS A 73 -36.25 -23.91 -13.94
C HIS A 73 -35.69 -25.07 -13.14
N ASN A 74 -35.47 -24.83 -11.86
CA ASN A 74 -35.30 -25.90 -10.87
C ASN A 74 -36.22 -25.65 -9.69
N GLY A 75 -36.02 -24.52 -8.99
CA GLY A 75 -36.95 -24.06 -7.98
C GLY A 75 -36.82 -24.63 -6.58
N THR A 76 -35.77 -25.43 -6.35
CA THR A 76 -35.45 -25.90 -4.99
C THR A 76 -35.03 -24.73 -4.10
N GLU A 77 -35.76 -24.58 -3.00
CA GLU A 77 -35.52 -23.57 -1.97
C GLU A 77 -34.15 -23.71 -1.31
N LEU A 78 -33.41 -22.61 -1.25
CA LEU A 78 -32.12 -22.62 -0.56
C LEU A 78 -31.89 -21.35 0.25
N THR A 79 -31.24 -21.55 1.40
CA THR A 79 -30.91 -20.50 2.35
C THR A 79 -29.39 -20.50 2.55
N LEU A 80 -28.78 -19.35 2.24
CA LEU A 80 -27.35 -19.13 2.39
C LEU A 80 -27.05 -18.26 3.60
N ARG A 81 -26.48 -18.87 4.65
CA ARG A 81 -26.16 -18.17 5.89
C ARG A 81 -24.70 -17.73 5.85
N TYR A 82 -24.48 -16.42 5.90
CA TYR A 82 -23.13 -15.90 6.01
C TYR A 82 -22.93 -15.29 7.39
N SER A 83 -21.67 -15.02 7.74
CA SER A 83 -21.30 -14.31 8.96
C SER A 83 -22.11 -13.03 9.21
N THR A 84 -22.28 -12.24 8.15
CA THR A 84 -22.81 -10.87 8.24
C THR A 84 -24.30 -10.75 7.91
N GLY A 85 -24.90 -11.85 7.46
CA GLY A 85 -26.32 -11.88 7.10
C GLY A 85 -26.73 -13.12 6.30
N THR A 86 -28.03 -13.24 6.08
CA THR A 86 -28.60 -14.42 5.42
C THR A 86 -29.38 -14.00 4.19
N VAL A 87 -29.17 -14.70 3.08
CA VAL A 87 -30.09 -14.59 1.94
C VAL A 87 -30.88 -15.88 1.76
N SER A 88 -32.09 -15.74 1.23
CA SER A 88 -32.93 -16.88 0.97
C SER A 88 -33.59 -16.80 -0.41
N GLY A 89 -33.81 -17.95 -1.03
CA GLY A 89 -34.39 -17.99 -2.36
C GLY A 89 -34.56 -19.39 -2.90
N PHE A 90 -34.40 -19.53 -4.22
CA PHE A 90 -34.55 -20.82 -4.91
C PHE A 90 -33.49 -20.97 -6.02
N LEU A 91 -33.23 -22.21 -6.41
CA LEU A 91 -32.24 -22.49 -7.45
C LEU A 91 -32.78 -22.36 -8.86
N SER A 92 -31.95 -21.82 -9.74
CA SER A 92 -32.22 -21.74 -11.16
C SER A 92 -30.98 -22.09 -11.97
N GLN A 93 -31.16 -22.26 -13.27
CA GLN A 93 -30.06 -22.54 -14.17
C GLN A 93 -30.12 -21.61 -15.37
N ASP A 94 -28.97 -21.04 -15.72
CA ASP A 94 -28.82 -20.22 -16.91
C ASP A 94 -27.36 -20.14 -17.32
N ILE A 95 -27.11 -19.42 -18.42
CA ILE A 95 -25.78 -19.16 -18.93
C ILE A 95 -25.20 -17.94 -18.19
N ILE A 96 -24.08 -18.15 -17.51
CA ILE A 96 -23.33 -17.05 -16.87
C ILE A 96 -22.05 -16.73 -17.64
N THR A 97 -21.86 -15.47 -17.98
CA THR A 97 -20.62 -15.01 -18.62
C THR A 97 -19.73 -14.34 -17.57
N VAL A 98 -18.49 -14.82 -17.48
CA VAL A 98 -17.50 -14.29 -16.54
C VAL A 98 -16.12 -14.22 -17.22
N GLY A 99 -15.57 -13.02 -17.33
CA GLY A 99 -14.30 -12.76 -18.02
C GLY A 99 -14.20 -13.46 -19.36
N GLY A 100 -15.16 -13.18 -20.25
CA GLY A 100 -15.18 -13.84 -21.56
C GLY A 100 -15.58 -15.32 -21.56
N ILE A 101 -15.54 -15.97 -20.41
CA ILE A 101 -15.90 -17.38 -20.32
C ILE A 101 -17.38 -17.56 -20.02
N THR A 102 -18.00 -18.48 -20.76
CA THR A 102 -19.43 -18.76 -20.70
C THR A 102 -19.67 -20.18 -20.18
N VAL A 103 -20.42 -20.26 -19.09
CA VAL A 103 -20.78 -21.54 -18.46
C VAL A 103 -22.27 -21.65 -18.13
N THR A 104 -22.80 -22.88 -18.25
CA THR A 104 -24.12 -23.23 -17.73
C THR A 104 -23.99 -23.42 -16.22
N GLN A 105 -24.53 -22.47 -15.47
CA GLN A 105 -24.42 -22.47 -14.03
C GLN A 105 -25.77 -22.56 -13.32
N MET A 106 -25.81 -23.36 -12.25
CA MET A 106 -26.88 -23.37 -11.27
C MET A 106 -26.60 -22.30 -10.22
N PHE A 107 -27.58 -21.41 -10.00
CA PHE A 107 -27.43 -20.30 -9.07
C PHE A 107 -28.72 -20.04 -8.29
N GLY A 108 -28.60 -19.30 -7.19
CA GLY A 108 -29.75 -18.96 -6.36
C GLY A 108 -30.35 -17.63 -6.77
N GLU A 109 -31.63 -17.64 -7.09
CA GLU A 109 -32.40 -16.42 -7.24
C GLU A 109 -32.90 -16.04 -5.85
N VAL A 110 -32.28 -15.02 -5.27
CA VAL A 110 -32.59 -14.58 -3.91
C VAL A 110 -33.90 -13.80 -3.88
N THR A 111 -34.84 -14.28 -3.07
CA THR A 111 -36.16 -13.67 -2.93
C THR A 111 -36.35 -13.00 -1.59
N GLU A 112 -35.42 -13.25 -0.68
CA GLU A 112 -35.44 -12.66 0.66
C GLU A 112 -34.06 -12.12 0.99
N MET A 113 -33.99 -10.79 1.11
CA MET A 113 -32.74 -10.07 1.13
C MET A 113 -32.82 -8.91 2.16
N PRO A 114 -32.37 -9.16 3.42
CA PRO A 114 -32.51 -8.21 4.53
C PRO A 114 -31.77 -6.90 4.29
N ALA A 115 -32.43 -5.81 4.70
CA ALA A 115 -31.90 -4.44 4.53
C ALA A 115 -30.53 -4.29 5.17
N LEU A 116 -30.39 -4.74 6.41
CA LEU A 116 -29.06 -4.91 6.99
C LEU A 116 -28.62 -6.37 6.77
N PRO A 117 -27.51 -6.60 6.06
CA PRO A 117 -26.58 -5.58 5.59
C PRO A 117 -26.71 -5.13 4.12
N PHE A 118 -27.57 -5.77 3.34
CA PHE A 118 -27.48 -5.67 1.86
C PHE A 118 -27.77 -4.29 1.25
N MET A 119 -28.55 -3.47 1.95
CA MET A 119 -28.65 -2.04 1.65
C MET A 119 -27.30 -1.32 1.66
N LEU A 120 -26.32 -1.90 2.36
CA LEU A 120 -24.99 -1.34 2.47
C LEU A 120 -24.04 -1.92 1.43
N ALA A 121 -24.55 -2.84 0.62
CA ALA A 121 -23.76 -3.44 -0.47
C ALA A 121 -23.85 -2.65 -1.76
N GLU A 122 -22.70 -2.26 -2.27
CA GLU A 122 -22.55 -1.69 -3.62
C GLU A 122 -22.70 -2.78 -4.72
N PHE A 123 -22.44 -4.04 -4.36
CA PHE A 123 -22.64 -5.20 -5.24
C PHE A 123 -24.09 -5.68 -5.19
N ASP A 124 -24.49 -6.51 -6.15
CA ASP A 124 -25.81 -7.13 -6.20
C ASP A 124 -25.83 -8.54 -5.58
N GLY A 125 -24.80 -9.33 -5.90
CA GLY A 125 -24.76 -10.73 -5.50
C GLY A 125 -23.36 -11.26 -5.27
N VAL A 126 -23.27 -12.58 -5.15
CA VAL A 126 -22.00 -13.25 -4.82
C VAL A 126 -21.74 -14.40 -5.78
N VAL A 127 -20.47 -14.54 -6.16
CA VAL A 127 -19.96 -15.71 -6.89
C VAL A 127 -19.01 -16.43 -5.93
N GLY A 128 -19.43 -17.57 -5.41
CA GLY A 128 -18.60 -18.36 -4.51
C GLY A 128 -17.44 -19.00 -5.23
N MET A 129 -16.22 -18.71 -4.77
CA MET A 129 -14.98 -19.28 -5.34
C MET A 129 -14.46 -20.49 -4.57
N GLY A 130 -15.21 -20.95 -3.57
CA GLY A 130 -14.82 -22.11 -2.76
C GLY A 130 -15.19 -23.43 -3.41
N PHE A 131 -15.10 -24.50 -2.60
CA PHE A 131 -15.20 -25.89 -3.07
C PHE A 131 -16.63 -26.41 -3.00
N ILE A 132 -16.90 -27.50 -3.70
CA ILE A 132 -18.22 -28.15 -3.67
C ILE A 132 -18.65 -28.59 -2.26
N GLU A 133 -17.70 -29.03 -1.43
CA GLU A 133 -17.97 -29.55 -0.07
C GLU A 133 -18.72 -28.57 0.84
N GLN A 134 -18.53 -27.26 0.61
CA GLN A 134 -19.27 -26.21 1.34
C GLN A 134 -20.39 -25.53 0.56
N ALA A 135 -20.67 -26.01 -0.65
CA ALA A 135 -21.79 -25.49 -1.45
C ALA A 135 -23.11 -26.02 -0.90
N ILE A 136 -24.00 -25.10 -0.53
CA ILE A 136 -25.30 -25.46 0.00
C ILE A 136 -26.13 -26.04 -1.15
N GLY A 137 -26.68 -27.23 -0.91
CA GLY A 137 -27.41 -27.99 -1.93
C GLY A 137 -26.54 -28.81 -2.87
N ARG A 138 -25.27 -29.01 -2.50
CA ARG A 138 -24.26 -29.73 -3.33
C ARG A 138 -24.22 -29.28 -4.81
N VAL A 139 -24.52 -28.00 -5.04
CA VAL A 139 -24.52 -27.34 -6.34
C VAL A 139 -23.06 -27.17 -6.81
N THR A 140 -22.76 -27.64 -8.02
CA THR A 140 -21.42 -27.50 -8.61
C THR A 140 -21.03 -26.02 -8.69
N PRO A 141 -19.90 -25.63 -8.06
CA PRO A 141 -19.53 -24.21 -8.08
C PRO A 141 -19.00 -23.79 -9.45
N ILE A 142 -19.07 -22.49 -9.73
CA ILE A 142 -18.72 -21.95 -11.03
C ILE A 142 -17.30 -22.28 -11.53
N PHE A 143 -16.29 -22.24 -10.65
CA PHE A 143 -14.92 -22.57 -11.09
C PHE A 143 -14.75 -24.02 -11.49
N ASP A 144 -15.41 -24.94 -10.78
CA ASP A 144 -15.46 -26.35 -11.19
C ASP A 144 -16.04 -26.52 -12.60
N ASN A 145 -17.12 -25.78 -12.91
CA ASN A 145 -17.72 -25.76 -14.24
C ASN A 145 -16.77 -25.23 -15.32
N ILE A 146 -16.03 -24.17 -15.00
CA ILE A 146 -15.04 -23.61 -15.94
C ILE A 146 -13.89 -24.60 -16.16
N ILE A 147 -13.48 -25.30 -15.09
CA ILE A 147 -12.46 -26.35 -15.18
C ILE A 147 -12.92 -27.48 -16.11
N SER A 148 -14.18 -27.88 -15.96
CA SER A 148 -14.80 -28.94 -16.75
C SER A 148 -14.84 -28.72 -18.27
N GLN A 149 -14.68 -27.46 -18.69
CA GLN A 149 -14.62 -27.10 -20.11
C GLN A 149 -13.25 -27.32 -20.74
N GLY A 150 -12.24 -27.58 -19.91
CA GLY A 150 -10.85 -27.78 -20.37
C GLY A 150 -10.28 -26.62 -21.15
N VAL A 151 -10.74 -25.41 -20.83
CA VAL A 151 -10.39 -24.21 -21.57
C VAL A 151 -9.21 -23.44 -20.92
N LEU A 152 -9.18 -23.43 -19.59
CA LEU A 152 -8.12 -22.76 -18.82
C LEU A 152 -6.74 -23.44 -18.88
N LYS A 153 -5.69 -22.64 -18.72
CA LYS A 153 -4.29 -23.11 -18.72
C LYS A 153 -3.95 -23.95 -17.49
N GLU A 154 -4.60 -23.67 -16.36
CA GLU A 154 -4.45 -24.44 -15.11
C GLU A 154 -5.57 -24.19 -14.09
N ASP A 155 -5.81 -25.17 -13.21
CA ASP A 155 -6.81 -25.05 -12.13
C ASP A 155 -6.29 -24.12 -11.06
N VAL A 156 -6.23 -22.84 -11.41
CA VAL A 156 -5.63 -21.80 -10.59
C VAL A 156 -6.42 -20.51 -10.86
N PHE A 157 -6.77 -19.81 -9.80
CA PHE A 157 -7.20 -18.42 -9.94
C PHE A 157 -6.46 -17.53 -8.94
N SER A 158 -6.34 -16.24 -9.27
CA SER A 158 -5.56 -15.29 -8.49
C SER A 158 -6.29 -13.98 -8.26
N PHE A 159 -6.03 -13.37 -7.10
CA PHE A 159 -6.67 -12.13 -6.69
C PHE A 159 -5.66 -11.02 -6.48
N TYR A 160 -5.99 -9.86 -7.03
CA TYR A 160 -5.28 -8.63 -6.74
C TYR A 160 -6.32 -7.64 -6.27
N TYR A 161 -6.10 -7.07 -5.08
CA TYR A 161 -6.94 -5.99 -4.57
C TYR A 161 -6.12 -4.72 -4.44
N ASN A 162 -6.54 -3.68 -5.15
CA ASN A 162 -5.86 -2.39 -5.14
C ASN A 162 -5.94 -1.65 -3.79
N ARG A 163 -4.86 -0.92 -3.47
CA ARG A 163 -4.81 -0.05 -2.29
C ARG A 163 -5.52 1.29 -2.55
N ASP A 164 -5.62 1.65 -3.83
CA ASP A 164 -6.22 2.89 -4.25
C ASP A 164 -7.68 2.64 -4.62
N SER A 165 -8.55 3.46 -4.04
CA SER A 165 -10.00 3.31 -4.15
C SER A 165 -10.63 4.36 -5.05
N GLN A 169 -8.93 7.10 -9.36
CA GLN A 169 -9.61 6.47 -10.48
C GLN A 169 -8.63 5.67 -11.37
N SER A 170 -8.50 4.37 -11.06
CA SER A 170 -7.67 3.41 -11.80
C SER A 170 -8.21 1.98 -11.62
N LEU A 171 -7.39 0.96 -11.89
CA LEU A 171 -7.80 -0.45 -11.72
C LEU A 171 -8.02 -0.81 -10.24
N GLY A 172 -9.27 -1.07 -9.88
CA GLY A 172 -9.66 -1.36 -8.49
C GLY A 172 -9.27 -2.73 -7.97
N GLY A 173 -8.98 -3.65 -8.88
CA GLY A 173 -8.65 -5.01 -8.51
C GLY A 173 -8.73 -5.91 -9.72
N GLN A 174 -8.30 -7.17 -9.55
CA GLN A 174 -8.17 -8.11 -10.68
C GLN A 174 -8.20 -9.58 -10.25
N ILE A 175 -9.02 -10.36 -10.95
CA ILE A 175 -9.01 -11.82 -10.83
C ILE A 175 -8.57 -12.43 -12.15
N VAL A 176 -7.48 -13.20 -12.10
CA VAL A 176 -7.06 -13.98 -13.24
C VAL A 176 -7.63 -15.40 -13.09
N LEU A 177 -8.45 -15.82 -14.04
CA LEU A 177 -8.89 -17.21 -14.13
C LEU A 177 -7.89 -17.97 -14.97
N GLY A 178 -7.27 -18.98 -14.37
CA GLY A 178 -6.34 -19.87 -15.07
C GLY A 178 -4.86 -19.53 -14.95
N GLY A 179 -4.51 -18.67 -14.00
CA GLY A 179 -3.14 -18.23 -13.80
C GLY A 179 -3.04 -17.04 -12.86
N SER A 180 -1.93 -16.31 -12.98
CA SER A 180 -1.73 -15.07 -12.24
C SER A 180 -1.14 -14.00 -13.17
N ASP A 181 -1.08 -12.77 -12.69
CA ASP A 181 -0.58 -11.64 -13.47
C ASP A 181 0.66 -11.04 -12.81
N PRO A 182 1.84 -11.18 -13.45
CA PRO A 182 3.10 -10.63 -12.92
C PRO A 182 3.14 -9.10 -12.79
N GLN A 183 2.27 -8.38 -13.51
CA GLN A 183 2.14 -6.92 -13.39
C GLN A 183 1.71 -6.46 -11.98
N HIS A 184 1.09 -7.34 -11.21
CA HIS A 184 0.51 -6.99 -9.90
C HIS A 184 1.13 -7.64 -8.66
N TYR A 185 2.15 -8.49 -8.86
CA TYR A 185 2.93 -9.03 -7.75
C TYR A 185 4.43 -8.92 -8.03
N GLU A 186 5.24 -9.25 -7.04
CA GLU A 186 6.70 -9.24 -7.18
C GLU A 186 7.39 -10.19 -6.20
N GLY A 187 8.65 -10.51 -6.50
CA GLY A 187 9.38 -11.55 -5.79
C GLY A 187 8.77 -12.92 -6.05
N ASN A 188 9.13 -13.88 -5.21
CA ASN A 188 8.60 -15.24 -5.31
C ASN A 188 7.27 -15.44 -4.61
N PHE A 189 6.51 -16.43 -5.05
CA PHE A 189 5.34 -16.93 -4.33
C PHE A 189 5.83 -17.83 -3.18
N HIS A 190 5.17 -17.72 -2.03
CA HIS A 190 5.34 -18.65 -0.93
C HIS A 190 4.08 -19.52 -0.89
N TYR A 191 4.26 -20.81 -1.12
CA TYR A 191 3.14 -21.73 -1.19
C TYR A 191 2.84 -22.38 0.16
N ILE A 192 1.56 -22.41 0.53
CA ILE A 192 1.09 -23.05 1.77
C ILE A 192 -0.07 -24.01 1.46
N ASN A 193 0.12 -25.28 1.81
CA ASN A 193 -0.91 -26.32 1.65
C ASN A 193 -2.09 -26.13 2.58
N LEU A 194 -3.27 -26.46 2.09
CA LEU A 194 -4.51 -26.40 2.87
C LEU A 194 -4.54 -27.48 3.96
N ILE A 195 -5.27 -27.21 5.04
CA ILE A 195 -5.55 -28.20 6.11
C ILE A 195 -6.21 -29.44 5.51
N LYS A 196 -7.22 -29.19 4.70
CA LYS A 196 -7.97 -30.19 3.95
C LYS A 196 -8.42 -29.56 2.64
N THR A 197 -8.65 -30.40 1.64
CA THR A 197 -9.45 -30.04 0.47
C THR A 197 -10.88 -29.75 0.94
N GLY A 198 -11.58 -28.84 0.25
CA GLY A 198 -12.96 -28.56 0.62
C GLY A 198 -13.17 -27.19 1.22
N VAL A 199 -12.10 -26.57 1.72
CA VAL A 199 -12.12 -25.24 2.31
C VAL A 199 -10.77 -24.53 2.07
N TRP A 200 -10.80 -23.25 1.68
CA TRP A 200 -9.57 -22.47 1.42
C TRP A 200 -8.91 -22.01 2.73
N GLN A 201 -8.50 -22.99 3.54
CA GLN A 201 -8.09 -22.76 4.92
C GLN A 201 -6.73 -23.39 5.18
N ILE A 202 -5.89 -22.65 5.89
CA ILE A 202 -4.50 -23.04 6.14
C ILE A 202 -4.14 -22.94 7.63
N GLN A 203 -3.11 -23.67 8.05
CA GLN A 203 -2.65 -23.62 9.44
C GLN A 203 -1.91 -22.32 9.74
N MET A 204 -2.36 -21.61 10.79
CA MET A 204 -1.65 -20.45 11.32
C MET A 204 -0.96 -20.77 12.65
N LYS A 205 0.34 -20.50 12.70
CA LYS A 205 1.18 -20.89 13.83
C LYS A 205 1.50 -19.73 14.79
N GLY A 206 0.72 -18.65 14.75
CA GLY A 206 0.90 -17.51 15.66
C GLY A 206 0.44 -16.16 15.13
N VAL A 207 -0.04 -15.31 16.04
CA VAL A 207 -0.37 -13.90 15.72
C VAL A 207 0.44 -13.01 16.65
N SER A 208 1.19 -12.07 16.06
CA SER A 208 2.08 -11.20 16.82
C SER A 208 1.66 -9.74 16.76
N VAL A 209 1.78 -9.07 17.91
CA VAL A 209 1.65 -7.62 18.03
C VAL A 209 3.07 -7.09 18.33
N GLY A 210 3.61 -6.33 17.39
CA GLY A 210 5.04 -5.96 17.40
C GLY A 210 5.86 -7.20 17.10
N SER A 211 6.47 -7.76 18.15
CA SER A 211 7.16 -9.05 18.09
C SER A 211 6.94 -9.88 19.36
N SER A 212 5.72 -9.81 19.91
CA SER A 212 5.26 -10.64 21.02
C SER A 212 4.06 -11.47 20.55
N THR A 213 4.27 -12.78 20.40
CA THR A 213 3.22 -13.69 19.94
C THR A 213 2.17 -13.90 21.04
N LEU A 214 1.21 -12.99 21.07
CA LEU A 214 0.12 -12.99 22.03
C LEU A 214 -0.90 -14.10 21.75
N LEU A 215 -1.18 -14.35 20.47
CA LEU A 215 -2.29 -15.22 20.06
C LEU A 215 -1.85 -16.36 19.13
N CYS A 216 -2.69 -17.40 19.05
CA CYS A 216 -2.42 -18.68 18.38
C CYS A 216 -1.09 -19.33 18.77
N GLU A 217 -0.78 -19.27 20.06
CA GLU A 217 0.50 -19.73 20.61
C GLU A 217 0.77 -21.21 20.27
N ASP A 218 -0.28 -22.02 20.30
CA ASP A 218 -0.19 -23.42 19.88
C ASP A 218 -1.08 -23.68 18.67
N GLY A 219 -1.00 -22.78 17.69
CA GLY A 219 -1.65 -22.94 16.40
C GLY A 219 -3.14 -22.68 16.37
N CYS A 220 -3.63 -22.34 15.18
CA CYS A 220 -5.05 -22.06 14.94
C CYS A 220 -5.34 -22.11 13.43
N LEU A 221 -6.55 -21.72 13.06
CA LEU A 221 -6.99 -21.75 11.66
C LEU A 221 -7.08 -20.35 11.03
N ALA A 222 -6.74 -20.27 9.75
CA ALA A 222 -6.90 -19.04 8.98
C ALA A 222 -7.56 -19.33 7.64
N LEU A 223 -8.73 -18.76 7.45
CA LEU A 223 -9.49 -18.90 6.23
C LEU A 223 -9.11 -17.75 5.29
N VAL A 224 -8.60 -18.08 4.11
CA VAL A 224 -8.17 -17.07 3.14
C VAL A 224 -9.40 -16.69 2.33
N ASP A 225 -9.90 -15.48 2.60
CA ASP A 225 -11.29 -15.13 2.38
C ASP A 225 -11.48 -13.83 1.61
N THR A 226 -11.65 -13.96 0.30
CA THR A 226 -11.69 -12.82 -0.61
C THR A 226 -12.99 -12.00 -0.52
N GLY A 227 -14.04 -12.61 0.05
CA GLY A 227 -15.32 -11.96 0.26
C GLY A 227 -15.40 -11.19 1.57
N ALA A 228 -14.41 -11.38 2.45
CA ALA A 228 -14.32 -10.61 3.68
C ALA A 228 -13.64 -9.25 3.45
N SER A 229 -14.12 -8.20 4.13
CA SER A 229 -13.50 -6.88 4.07
C SER A 229 -12.23 -6.82 4.92
N TYR A 230 -12.36 -7.25 6.16
CA TYR A 230 -11.35 -7.02 7.17
C TYR A 230 -10.55 -8.31 7.42
N ILE A 231 -9.59 -8.22 8.33
CA ILE A 231 -9.02 -9.39 8.99
C ILE A 231 -9.90 -9.66 10.21
N SER A 232 -10.31 -10.90 10.40
CA SER A 232 -11.13 -11.25 11.55
C SER A 232 -10.59 -12.44 12.35
N GLY A 233 -10.86 -12.41 13.66
CA GLY A 233 -10.66 -13.55 14.57
C GLY A 233 -11.87 -13.71 15.48
N SER A 234 -11.76 -14.61 16.46
CA SER A 234 -12.77 -14.82 17.52
C SER A 234 -13.02 -13.52 18.27
N THR A 235 -14.21 -13.39 18.86
CA THR A 235 -14.48 -12.29 19.79
C THR A 235 -13.36 -12.17 20.83
N SER A 236 -13.05 -13.28 21.52
CA SER A 236 -12.02 -13.30 22.56
C SER A 236 -10.61 -13.11 21.99
N SER A 237 -10.37 -13.61 20.78
CA SER A 237 -9.06 -13.41 20.12
C SER A 237 -8.84 -11.95 19.78
N ILE A 238 -9.86 -11.33 19.17
CA ILE A 238 -9.80 -9.93 18.79
C ILE A 238 -9.81 -9.00 20.01
N GLU A 239 -10.52 -9.39 21.07
CA GLU A 239 -10.50 -8.64 22.33
C GLU A 239 -9.10 -8.54 22.96
N LYS A 240 -8.34 -9.64 22.88
CA LYS A 240 -6.94 -9.64 23.38
C LYS A 240 -6.02 -8.79 22.50
N LEU A 241 -6.16 -8.95 21.18
CA LEU A 241 -5.42 -8.16 20.17
C LEU A 241 -5.63 -6.67 20.36
N MET A 242 -6.88 -6.26 20.58
CA MET A 242 -7.25 -4.85 20.64
C MET A 242 -6.83 -4.19 21.93
N GLU A 243 -6.97 -4.92 23.04
CA GLU A 243 -6.42 -4.49 24.34
C GLU A 243 -4.96 -4.11 24.17
N ALA A 244 -4.22 -4.94 23.42
CA ALA A 244 -2.80 -4.73 23.13
C ALA A 244 -2.52 -3.52 22.24
N LEU A 245 -3.42 -3.22 21.30
CA LEU A 245 -3.28 -2.04 20.45
C LEU A 245 -3.75 -0.74 21.12
N GLY A 246 -4.44 -0.88 22.26
CA GLY A 246 -5.02 0.25 22.97
C GLY A 246 -6.25 0.80 22.27
N ALA A 247 -6.94 -0.09 21.54
CA ALA A 247 -8.15 0.25 20.78
C ALA A 247 -9.42 0.18 21.63
N LYS A 248 -10.37 1.07 21.33
CA LYS A 248 -11.68 1.13 22.00
C LYS A 248 -12.77 0.44 21.17
N LYS A 249 -13.55 -0.42 21.83
CA LYS A 249 -14.60 -1.19 21.17
C LYS A 249 -15.83 -0.34 20.92
N ARG A 250 -16.18 -0.23 19.64
CA ARG A 250 -17.47 0.27 19.23
C ARG A 250 -18.31 -0.95 18.87
N LEU A 251 -19.56 -0.70 18.49
CA LEU A 251 -20.55 -1.73 18.19
C LEU A 251 -20.20 -2.69 17.04
N PHE A 252 -19.59 -2.18 15.97
CA PHE A 252 -19.30 -3.01 14.77
C PHE A 252 -17.84 -3.04 14.33
N ASP A 253 -17.00 -2.36 15.12
CA ASP A 253 -15.59 -2.21 14.82
C ASP A 253 -14.85 -1.72 16.06
N TYR A 254 -13.52 -1.63 15.92
CA TYR A 254 -12.66 -1.01 16.92
C TYR A 254 -12.06 0.27 16.36
N VAL A 255 -12.04 1.29 17.21
CA VAL A 255 -11.42 2.56 16.84
C VAL A 255 -10.26 2.93 17.73
N VAL A 256 -9.55 3.96 17.29
CA VAL A 256 -8.33 4.46 17.91
C VAL A 256 -8.43 5.97 17.63
N LYS A 257 -7.92 6.81 18.53
CA LYS A 257 -7.87 8.24 18.27
C LYS A 257 -6.90 8.44 17.10
N CYS A 258 -7.35 9.14 16.06
CA CYS A 258 -6.62 9.26 14.77
C CYS A 258 -5.12 9.63 14.88
N ASN A 259 -4.78 10.41 15.89
CA ASN A 259 -3.39 10.74 16.16
C ASN A 259 -2.53 9.53 16.53
N GLU A 260 -3.13 8.57 17.22
CA GLU A 260 -2.43 7.39 17.70
C GLU A 260 -2.16 6.38 16.59
N GLY A 261 -2.90 6.51 15.48
CA GLY A 261 -2.84 5.61 14.33
C GLY A 261 -1.46 5.26 13.79
N PRO A 262 -0.65 6.27 13.39
CA PRO A 262 0.70 5.97 12.92
C PRO A 262 1.61 5.29 13.97
N THR A 263 1.36 5.56 15.25
CA THR A 263 2.15 5.00 16.37
C THR A 263 1.79 3.53 16.75
N LEU A 264 0.76 2.98 16.11
CA LEU A 264 0.32 1.60 16.36
C LEU A 264 1.37 0.56 15.92
N PRO A 265 1.58 -0.51 16.73
CA PRO A 265 2.61 -1.51 16.37
C PRO A 265 2.25 -2.36 15.14
N ASP A 266 3.24 -3.11 14.64
CA ASP A 266 3.04 -4.05 13.56
C ASP A 266 2.26 -5.27 14.02
N ILE A 267 1.49 -5.87 13.11
CA ILE A 267 0.80 -7.13 13.39
C ILE A 267 1.28 -8.20 12.42
N SER A 268 1.75 -9.32 12.97
CA SER A 268 2.30 -10.42 12.19
C SER A 268 1.41 -11.66 12.22
N PHE A 269 1.47 -12.42 11.13
CA PHE A 269 0.72 -13.66 10.98
C PHE A 269 1.71 -14.74 10.53
N HIS A 270 1.93 -15.73 11.40
CA HIS A 270 2.87 -16.81 11.10
C HIS A 270 2.19 -17.90 10.26
N LEU A 271 2.43 -17.86 8.95
CA LEU A 271 1.84 -18.81 8.01
C LEU A 271 2.90 -19.53 7.17
N GLY A 272 2.89 -20.86 7.23
CA GLY A 272 3.83 -21.71 6.49
C GLY A 272 5.30 -21.40 6.71
N GLY A 273 5.68 -21.14 7.97
CA GLY A 273 7.06 -20.82 8.35
C GLY A 273 7.48 -19.35 8.23
N LYS A 274 6.81 -18.60 7.36
CA LYS A 274 7.12 -17.19 7.08
C LYS A 274 6.22 -16.24 7.89
N GLU A 275 6.79 -15.10 8.29
CA GLU A 275 6.05 -14.09 9.08
C GLU A 275 5.50 -12.94 8.20
N TYR A 276 4.18 -12.90 8.05
CA TYR A 276 3.47 -11.93 7.20
C TYR A 276 3.07 -10.69 8.00
N THR A 277 3.80 -9.60 7.78
CA THR A 277 3.68 -8.41 8.62
C THR A 277 2.74 -7.36 8.01
N LEU A 278 1.91 -6.78 8.87
CA LEU A 278 1.17 -5.57 8.56
C LEU A 278 1.65 -4.43 9.45
N THR A 279 1.93 -3.30 8.81
CA THR A 279 2.19 -2.04 9.51
C THR A 279 0.84 -1.34 9.74
N SER A 280 0.79 -0.38 10.67
CA SER A 280 -0.43 0.40 10.93
C SER A 280 -1.04 0.99 9.66
N ALA A 281 -0.19 1.45 8.75
CA ALA A 281 -0.61 1.89 7.41
C ALA A 281 -1.46 0.86 6.65
N ASP A 282 -1.21 -0.44 6.87
CA ASP A 282 -1.99 -1.52 6.25
C ASP A 282 -3.33 -1.82 6.95
N TYR A 283 -3.49 -1.47 8.23
CA TYR A 283 -4.73 -1.83 8.93
C TYR A 283 -5.58 -0.68 9.53
N VAL A 284 -5.06 0.55 9.45
CA VAL A 284 -5.78 1.74 9.95
C VAL A 284 -6.37 2.51 8.77
N PHE A 285 -7.63 2.91 8.89
CA PHE A 285 -8.18 3.93 7.99
C PHE A 285 -7.82 5.34 8.51
N GLN A 286 -6.71 5.88 8.00
CA GLN A 286 -6.20 7.20 8.43
C GLN A 286 -6.95 8.38 7.80
N GLU A 287 -8.22 8.55 8.18
CA GLU A 287 -9.05 9.63 7.63
C GLU A 287 -8.65 11.02 8.11
N SER A 288 -7.85 11.08 9.17
CA SER A 288 -7.45 12.31 9.84
C SER A 288 -6.20 12.04 10.68
N TYR A 289 -5.67 13.09 11.31
CA TYR A 289 -4.60 13.00 12.29
C TYR A 289 -5.00 13.69 13.60
N SER A 290 -6.23 14.22 13.64
CA SER A 290 -6.80 14.88 14.81
C SER A 290 -6.84 13.97 16.05
N SER A 291 -6.47 14.51 17.20
CA SER A 291 -6.67 13.81 18.47
C SER A 291 -8.15 13.80 18.88
N LYS A 292 -8.93 14.73 18.31
CA LYS A 292 -10.38 14.79 18.51
C LYS A 292 -11.14 13.73 17.70
N LYS A 293 -10.63 13.36 16.52
CA LYS A 293 -11.30 12.41 15.61
C LYS A 293 -11.03 10.95 15.96
N LEU A 294 -11.95 10.07 15.60
CA LEU A 294 -11.76 8.63 15.75
C LEU A 294 -11.51 7.96 14.41
N CYS A 295 -10.56 7.04 14.39
CA CYS A 295 -10.18 6.34 13.17
C CYS A 295 -10.40 4.84 13.36
N THR A 296 -11.05 4.23 12.36
CA THR A 296 -11.44 2.81 12.43
C THR A 296 -10.32 1.87 11.96
N LEU A 297 -10.31 0.65 12.50
CA LEU A 297 -9.36 -0.39 12.10
C LEU A 297 -9.98 -1.41 11.16
N ALA A 298 -9.15 -1.97 10.28
CA ALA A 298 -9.55 -2.96 9.29
C ALA A 298 -9.39 -4.41 9.81
N ILE A 299 -9.62 -4.56 11.12
CA ILE A 299 -9.61 -5.84 11.83
C ILE A 299 -10.81 -5.80 12.76
N HIS A 300 -11.64 -6.84 12.72
CA HIS A 300 -12.78 -6.95 13.65
C HIS A 300 -13.07 -8.39 14.13
N ALA A 301 -13.97 -8.52 15.10
CA ALA A 301 -14.42 -9.82 15.58
C ALA A 301 -15.45 -10.43 14.63
N MET A 302 -15.26 -11.72 14.32
CA MET A 302 -16.22 -12.48 13.52
C MET A 302 -16.12 -13.93 13.92
N ASP A 303 -17.20 -14.44 14.52
CA ASP A 303 -17.26 -15.83 14.97
C ASP A 303 -17.92 -16.70 13.91
N ILE A 304 -17.11 -17.48 13.22
CA ILE A 304 -17.59 -18.44 12.24
C ILE A 304 -17.89 -19.74 13.01
N PRO A 305 -19.10 -20.32 12.81
CA PRO A 305 -19.46 -21.58 13.49
C PRO A 305 -18.73 -22.82 12.92
N PRO A 306 -18.59 -23.89 13.73
CA PRO A 306 -18.12 -25.21 13.27
C PRO A 306 -18.83 -25.76 12.00
N PRO A 307 -18.14 -26.60 11.20
CA PRO A 307 -16.74 -27.00 11.45
C PRO A 307 -15.67 -26.11 10.78
N THR A 308 -16.08 -25.01 10.12
CA THR A 308 -15.15 -24.00 9.62
C THR A 308 -14.47 -23.28 10.79
N GLY A 309 -15.27 -22.94 11.82
CA GLY A 309 -14.81 -22.16 12.95
C GLY A 309 -14.63 -22.92 14.25
N PRO A 310 -14.09 -22.28 15.29
CA PRO A 310 -13.62 -20.88 15.23
C PRO A 310 -12.33 -20.72 14.42
N THR A 311 -12.32 -19.73 13.52
CA THR A 311 -11.20 -19.49 12.60
C THR A 311 -10.94 -17.99 12.43
N TRP A 312 -9.71 -17.66 12.03
CA TRP A 312 -9.41 -16.34 11.51
C TRP A 312 -9.83 -16.24 10.04
N ALA A 313 -10.11 -15.03 9.59
CA ALA A 313 -10.40 -14.78 8.18
C ALA A 313 -9.48 -13.69 7.64
N LEU A 314 -8.77 -14.00 6.56
CA LEU A 314 -7.87 -13.04 5.95
C LEU A 314 -8.54 -12.45 4.71
N GLY A 315 -9.16 -11.28 4.92
CA GLY A 315 -9.90 -10.56 3.88
C GLY A 315 -9.07 -9.51 3.16
N ALA A 316 -9.78 -8.51 2.62
CA ALA A 316 -9.18 -7.45 1.80
C ALA A 316 -7.97 -6.75 2.45
N THR A 317 -7.99 -6.56 3.77
CA THR A 317 -6.87 -5.98 4.52
C THR A 317 -5.57 -6.73 4.20
N PHE A 318 -5.63 -8.06 4.27
CA PHE A 318 -4.47 -8.94 4.02
C PHE A 318 -4.13 -9.03 2.53
N ILE A 319 -5.14 -9.26 1.69
CA ILE A 319 -4.96 -9.49 0.25
C ILE A 319 -4.39 -8.26 -0.47
N ARG A 320 -4.69 -7.07 0.04
CA ARG A 320 -4.15 -5.83 -0.51
C ARG A 320 -2.64 -5.87 -0.54
N LYS A 321 -2.03 -6.33 0.55
CA LYS A 321 -0.58 -6.44 0.67
C LYS A 321 0.00 -7.68 -0.01
N PHE A 322 -0.78 -8.76 -0.05
CA PHE A 322 -0.30 -10.04 -0.58
C PHE A 322 -1.19 -10.58 -1.68
N TYR A 323 -0.69 -10.49 -2.91
CA TYR A 323 -1.27 -11.11 -4.06
C TYR A 323 -1.44 -12.60 -3.76
N THR A 324 -2.64 -13.11 -4.02
CA THR A 324 -2.98 -14.48 -3.66
C THR A 324 -3.38 -15.33 -4.88
N GLU A 325 -2.67 -16.45 -5.04
CA GLU A 325 -3.00 -17.48 -6.01
C GLU A 325 -3.71 -18.63 -5.30
N PHE A 326 -4.84 -19.05 -5.85
CA PHE A 326 -5.57 -20.19 -5.31
C PHE A 326 -5.40 -21.40 -6.24
N ASP A 327 -4.76 -22.45 -5.73
CA ASP A 327 -4.39 -23.60 -6.54
C ASP A 327 -5.31 -24.81 -6.32
N ARG A 328 -6.22 -25.05 -7.27
CA ARG A 328 -7.10 -26.22 -7.22
C ARG A 328 -6.37 -27.54 -7.51
N ARG A 329 -5.40 -27.50 -8.43
CA ARG A 329 -4.62 -28.67 -8.82
C ARG A 329 -3.85 -29.27 -7.64
N ASN A 330 -3.23 -28.40 -6.84
CA ASN A 330 -2.31 -28.81 -5.78
C ASN A 330 -2.83 -28.59 -4.34
N ASN A 331 -4.08 -28.12 -4.22
CA ASN A 331 -4.70 -27.74 -2.93
C ASN A 331 -3.80 -26.88 -2.04
N ARG A 332 -3.32 -25.77 -2.59
CA ARG A 332 -2.45 -24.85 -1.88
C ARG A 332 -2.71 -23.40 -2.24
N ILE A 333 -2.20 -22.50 -1.41
CA ILE A 333 -2.34 -21.07 -1.63
C ILE A 333 -0.95 -20.45 -1.70
N GLY A 334 -0.71 -19.69 -2.77
CA GLY A 334 0.51 -18.91 -2.90
C GLY A 334 0.29 -17.45 -2.53
N PHE A 335 1.20 -16.91 -1.72
CA PHE A 335 1.23 -15.47 -1.45
C PHE A 335 2.48 -14.84 -2.05
N ALA A 336 2.29 -13.68 -2.65
CA ALA A 336 3.41 -12.88 -3.17
C ALA A 336 3.16 -11.41 -2.85
N LEU A 337 4.24 -10.64 -2.68
CA LEU A 337 4.13 -9.18 -2.48
C LEU A 337 3.38 -8.50 -3.62
N ALA A 338 2.25 -7.89 -3.29
CA ALA A 338 1.42 -7.19 -4.26
C ALA A 338 2.04 -5.85 -4.64
N ARG A 339 1.87 -5.47 -5.90
CA ARG A 339 2.24 -4.14 -6.36
C ARG A 339 1.15 -3.46 -7.18
N GLY B 3 19.22 -8.93 -16.66
CA GLY B 3 18.52 -7.75 -16.08
C GLY B 3 17.11 -7.60 -16.64
N ASN B 4 16.15 -8.25 -15.97
CA ASN B 4 14.76 -8.35 -16.45
C ASN B 4 13.69 -7.76 -15.50
N THR B 5 14.08 -7.42 -14.26
CA THR B 5 13.08 -7.05 -13.24
C THR B 5 13.01 -5.56 -12.87
N THR B 6 11.81 -5.16 -12.44
CA THR B 6 11.59 -3.92 -11.68
C THR B 6 11.05 -4.30 -10.30
N SER B 7 11.12 -3.37 -9.34
CA SER B 7 10.64 -3.61 -7.97
C SER B 7 9.94 -2.39 -7.39
N SER B 8 8.67 -2.55 -7.01
CA SER B 8 7.89 -1.47 -6.38
C SER B 8 7.97 -1.57 -4.87
N VAL B 9 8.11 -0.42 -4.22
CA VAL B 9 7.83 -0.30 -2.77
C VAL B 9 6.74 0.77 -2.66
N ILE B 10 5.64 0.40 -2.02
CA ILE B 10 4.54 1.35 -1.77
C ILE B 10 4.91 2.22 -0.57
N LEU B 11 4.64 3.52 -0.71
CA LEU B 11 4.93 4.49 0.34
C LEU B 11 3.69 4.95 1.08
N THR B 12 3.85 5.12 2.38
CA THR B 12 2.87 5.77 3.23
C THR B 12 3.18 7.25 3.19
N ASN B 13 2.13 8.06 3.01
CA ASN B 13 2.25 9.51 3.07
C ASN B 13 1.77 9.98 4.41
N TYR B 14 2.70 10.52 5.21
CA TYR B 14 2.36 11.12 6.49
C TYR B 14 2.40 12.65 6.39
N MET B 15 1.21 13.26 6.47
CA MET B 15 1.05 14.72 6.52
C MET B 15 1.62 15.53 5.36
N ASP B 16 1.90 14.86 4.23
CA ASP B 16 2.63 15.44 3.09
C ASP B 16 4.11 15.83 3.40
N THR B 17 4.61 15.42 4.57
CA THR B 17 5.97 15.78 4.99
C THR B 17 6.92 14.60 5.17
N GLN B 18 6.36 13.39 5.33
CA GLN B 18 7.15 12.19 5.48
C GLN B 18 6.60 11.12 4.58
N TYR B 19 7.47 10.54 3.75
CA TYR B 19 7.11 9.49 2.82
C TYR B 19 7.99 8.28 3.06
N TYR B 20 7.38 7.15 3.42
CA TYR B 20 8.14 5.99 3.84
C TYR B 20 7.49 4.66 3.51
N GLY B 21 8.32 3.67 3.19
CA GLY B 21 7.85 2.33 2.84
C GLY B 21 8.57 1.28 3.66
N GLU B 22 8.39 0.01 3.31
CA GLU B 22 8.94 -1.11 4.07
C GLU B 22 10.17 -1.75 3.43
N ILE B 23 11.16 -2.04 4.27
CA ILE B 23 12.28 -2.93 3.91
C ILE B 23 12.36 -4.04 4.95
N GLY B 24 12.83 -5.20 4.52
CA GLY B 24 13.16 -6.29 5.44
C GLY B 24 14.66 -6.34 5.72
N ILE B 25 15.03 -6.59 6.98
CA ILE B 25 16.43 -6.87 7.32
C ILE B 25 16.52 -8.17 8.13
N GLY B 26 17.35 -9.10 7.65
CA GLY B 26 17.63 -10.35 8.36
C GLY B 26 16.98 -11.61 7.79
N THR B 27 17.31 -12.76 8.39
CA THR B 27 16.66 -14.04 8.09
C THR B 27 16.20 -14.64 9.41
N PRO B 28 14.88 -14.72 9.64
CA PRO B 28 13.85 -14.17 8.74
C PRO B 28 13.84 -12.63 8.74
N PRO B 29 13.18 -12.00 7.72
CA PRO B 29 13.13 -10.53 7.68
C PRO B 29 12.50 -9.85 8.90
N GLN B 30 13.03 -8.67 9.25
CA GLN B 30 12.43 -7.78 10.22
C GLN B 30 11.98 -6.52 9.48
N THR B 31 10.70 -6.15 9.62
CA THR B 31 10.11 -5.03 8.87
C THR B 31 10.38 -3.67 9.53
N PHE B 32 10.91 -2.73 8.75
CA PHE B 32 11.10 -1.34 9.18
C PHE B 32 10.48 -0.37 8.20
N LYS B 33 9.94 0.73 8.72
CA LYS B 33 9.51 1.86 7.90
C LYS B 33 10.75 2.71 7.58
N VAL B 34 11.02 2.94 6.29
CA VAL B 34 12.20 3.73 5.88
C VAL B 34 11.88 4.84 4.90
N VAL B 35 12.59 5.95 5.05
CA VAL B 35 12.61 7.00 4.05
C VAL B 35 13.68 6.64 3.03
N PHE B 36 13.31 6.71 1.76
CA PHE B 36 14.25 6.58 0.67
C PHE B 36 14.75 7.98 0.31
N ASP B 37 16.00 8.25 0.71
CA ASP B 37 16.58 9.61 0.72
C ASP B 37 17.75 9.76 -0.28
N THR B 38 17.49 10.45 -1.39
CA THR B 38 18.52 10.73 -2.40
C THR B 38 19.54 11.76 -1.93
N GLY B 39 19.28 12.37 -0.78
CA GLY B 39 20.17 13.35 -0.17
C GLY B 39 21.30 12.75 0.66
N SER B 40 21.29 11.43 0.83
CA SER B 40 22.35 10.73 1.57
C SER B 40 22.57 9.34 0.98
N SER B 41 23.54 8.60 1.53
CA SER B 41 23.99 7.35 0.91
C SER B 41 24.14 6.17 1.87
N ASN B 42 23.77 6.36 3.13
CA ASN B 42 23.87 5.27 4.11
C ASN B 42 22.52 4.64 4.43
N VAL B 43 22.56 3.37 4.80
CA VAL B 43 21.36 2.67 5.28
C VAL B 43 21.48 2.57 6.79
N TRP B 44 20.48 3.08 7.52
CA TRP B 44 20.45 2.90 8.97
C TRP B 44 19.07 2.63 9.52
N VAL B 45 19.03 1.87 10.62
CA VAL B 45 17.80 1.56 11.37
C VAL B 45 18.11 1.62 12.87
N PRO B 46 17.10 1.87 13.74
CA PRO B 46 17.41 1.84 15.18
C PRO B 46 17.79 0.43 15.63
N SER B 47 18.71 0.34 16.59
CA SER B 47 19.22 -0.94 17.09
C SER B 47 18.51 -1.38 18.36
N SER B 48 18.46 -2.69 18.60
CA SER B 48 18.02 -3.25 19.87
C SER B 48 18.99 -2.89 21.00
N LYS B 49 20.24 -2.63 20.63
CA LYS B 49 21.26 -2.13 21.55
C LYS B 49 21.01 -0.68 22.00
N CYS B 50 20.08 0.02 21.34
CA CYS B 50 19.71 1.39 21.73
C CYS B 50 19.00 1.42 23.08
N SER B 51 19.48 2.30 23.95
CA SER B 51 18.89 2.55 25.26
C SER B 51 17.41 2.95 25.17
N ARG B 52 16.60 2.41 26.08
CA ARG B 52 15.17 2.74 26.14
C ARG B 52 14.91 4.11 26.74
N LEU B 53 15.94 4.68 27.40
CA LEU B 53 15.90 6.03 27.96
C LEU B 53 15.73 7.10 26.87
N TYR B 54 16.22 6.78 25.67
CA TYR B 54 15.84 7.51 24.47
C TYR B 54 14.38 7.16 24.17
N THR B 55 13.53 8.18 24.18
CA THR B 55 12.12 8.01 23.92
C THR B 55 11.89 7.41 22.54
N ALA B 56 12.70 7.83 21.57
CA ALA B 56 12.60 7.35 20.19
C ALA B 56 12.81 5.83 20.07
N CYS B 57 13.63 5.27 20.95
CA CYS B 57 13.91 3.83 20.93
C CYS B 57 12.87 2.97 21.67
N VAL B 58 11.80 3.62 22.14
CA VAL B 58 10.60 2.93 22.63
C VAL B 58 9.54 2.88 21.53
N TYR B 59 9.47 3.94 20.72
CA TYR B 59 8.40 4.16 19.74
C TYR B 59 8.74 3.73 18.31
N HIS B 60 9.97 3.27 18.10
CA HIS B 60 10.39 2.76 16.79
C HIS B 60 10.82 1.30 16.88
N LYS B 61 10.56 0.56 15.80
CA LYS B 61 10.99 -0.83 15.69
C LYS B 61 12.52 -0.91 15.68
N LEU B 62 13.06 -1.85 16.46
CA LEU B 62 14.50 -2.01 16.61
C LEU B 62 14.97 -3.31 15.98
N PHE B 63 16.12 -3.27 15.32
CA PHE B 63 16.75 -4.45 14.76
C PHE B 63 17.46 -5.24 15.84
N ASP B 64 17.02 -6.49 16.03
CA ASP B 64 17.70 -7.42 16.91
C ASP B 64 18.56 -8.34 16.04
N ALA B 65 19.87 -8.19 16.17
CA ALA B 65 20.86 -8.96 15.39
C ALA B 65 20.83 -10.47 15.69
N SER B 66 20.64 -10.83 16.97
CA SER B 66 20.66 -12.24 17.40
C SER B 66 19.47 -13.07 16.87
N ASP B 67 18.41 -12.38 16.42
CA ASP B 67 17.27 -13.04 15.78
C ASP B 67 17.50 -13.29 14.27
N SER B 68 18.68 -12.96 13.77
CA SER B 68 18.96 -13.08 12.34
C SER B 68 20.02 -14.14 12.01
N SER B 69 19.59 -15.13 11.24
CA SER B 69 20.44 -16.21 10.73
C SER B 69 21.56 -15.74 9.80
N SER B 70 21.40 -14.58 9.17
CA SER B 70 22.36 -14.09 8.16
C SER B 70 23.16 -12.84 8.56
N TYR B 71 23.14 -12.51 9.85
CA TYR B 71 23.88 -11.37 10.39
C TYR B 71 25.39 -11.62 10.38
N LYS B 72 26.14 -10.65 9.86
CA LYS B 72 27.60 -10.64 9.99
C LYS B 72 28.05 -9.39 10.74
N HIS B 73 28.82 -9.65 11.80
CA HIS B 73 29.32 -8.61 12.69
CA HIS B 73 29.36 -8.65 12.71
C HIS B 73 30.32 -7.69 11.99
N ASN B 74 30.33 -6.42 12.41
CA ASN B 74 31.35 -5.45 11.97
C ASN B 74 31.80 -4.59 13.15
N GLY B 75 31.02 -3.56 13.51
CA GLY B 75 31.22 -2.82 14.76
C GLY B 75 31.82 -1.42 14.76
N THR B 76 32.20 -0.90 13.60
CA THR B 76 32.81 0.44 13.47
C THR B 76 31.86 1.53 14.02
N GLU B 77 32.40 2.38 14.92
CA GLU B 77 31.57 3.37 15.64
CA GLU B 77 31.65 3.40 15.68
C GLU B 77 31.43 4.72 14.91
N LEU B 78 31.03 4.65 13.63
CA LEU B 78 30.78 5.85 12.82
C LEU B 78 29.57 6.66 13.29
N THR B 79 29.57 7.96 12.98
CA THR B 79 28.50 8.88 13.35
C THR B 79 27.90 9.52 12.09
N LEU B 80 26.57 9.65 12.05
CA LEU B 80 25.83 10.14 10.87
C LEU B 80 25.17 11.51 11.10
N ARG B 81 25.83 12.58 10.63
CA ARG B 81 25.37 13.96 10.87
C ARG B 81 24.59 14.56 9.68
N TYR B 82 23.29 14.75 9.89
CA TYR B 82 22.39 15.32 8.87
C TYR B 82 22.06 16.80 9.13
N SER B 83 21.37 17.43 8.16
CA SER B 83 20.82 18.78 8.29
C SER B 83 19.81 18.90 9.45
N THR B 84 19.09 17.81 9.67
CA THR B 84 17.96 17.76 10.60
C THR B 84 18.39 17.43 12.05
N GLY B 85 19.52 16.75 12.19
CA GLY B 85 20.00 16.24 13.49
C GLY B 85 20.86 14.99 13.35
N THR B 86 21.54 14.62 14.44
CA THR B 86 22.61 13.62 14.43
C THR B 86 22.22 12.25 15.04
N VAL B 87 22.53 11.18 14.30
CA VAL B 87 22.41 9.80 14.78
C VAL B 87 23.79 9.10 14.87
N SER B 88 24.05 8.49 16.01
CA SER B 88 25.29 7.74 16.23
C SER B 88 24.98 6.26 16.44
N GLY B 89 25.79 5.41 15.83
CA GLY B 89 25.64 3.97 15.94
C GLY B 89 26.88 3.21 15.50
N PHE B 90 26.69 1.92 15.23
CA PHE B 90 27.77 1.05 14.74
C PHE B 90 27.37 0.36 13.45
N LEU B 91 28.33 -0.27 12.79
CA LEU B 91 28.12 -0.86 11.46
C LEU B 91 27.85 -2.36 11.52
N SER B 92 26.87 -2.79 10.74
CA SER B 92 26.44 -4.18 10.68
C SER B 92 26.27 -4.69 9.24
N GLN B 93 26.18 -6.01 9.08
CA GLN B 93 25.89 -6.60 7.77
C GLN B 93 24.81 -7.67 7.80
N ASP B 94 23.89 -7.57 6.85
CA ASP B 94 22.79 -8.53 6.68
C ASP B 94 22.16 -8.44 5.29
N ILE B 95 21.29 -9.41 5.02
CA ILE B 95 20.44 -9.40 3.83
C ILE B 95 19.31 -8.36 4.03
N ILE B 96 19.13 -7.50 3.03
CA ILE B 96 18.01 -6.55 3.01
C ILE B 96 17.04 -6.87 1.86
N THR B 97 15.75 -7.02 2.19
CA THR B 97 14.69 -7.23 1.22
C THR B 97 14.04 -5.89 0.87
N VAL B 98 14.09 -5.51 -0.41
CA VAL B 98 13.40 -4.32 -0.94
C VAL B 98 12.49 -4.74 -2.10
N GLY B 99 11.19 -4.73 -1.85
CA GLY B 99 10.22 -5.30 -2.80
C GLY B 99 10.51 -6.76 -3.03
N GLY B 100 10.84 -7.12 -4.27
CA GLY B 100 11.14 -8.51 -4.60
C GLY B 100 12.63 -8.82 -4.63
N ILE B 101 13.44 -7.87 -4.16
CA ILE B 101 14.90 -7.92 -4.30
C ILE B 101 15.59 -8.06 -2.93
N THR B 102 16.43 -9.08 -2.80
CA THR B 102 17.30 -9.23 -1.63
C THR B 102 18.75 -8.91 -1.98
N VAL B 103 19.44 -8.23 -1.07
CA VAL B 103 20.82 -7.78 -1.29
C VAL B 103 21.60 -7.83 0.02
N THR B 104 22.86 -8.28 -0.06
CA THR B 104 23.80 -8.21 1.07
C THR B 104 24.30 -6.76 1.21
N GLN B 105 23.98 -6.19 2.37
CA GLN B 105 24.14 -4.77 2.60
C GLN B 105 24.80 -4.46 3.93
N MET B 106 25.72 -3.52 3.88
CA MET B 106 26.32 -2.95 5.07
C MET B 106 25.48 -1.75 5.49
N PHE B 107 25.11 -1.70 6.77
CA PHE B 107 24.21 -0.68 7.29
C PHE B 107 24.55 -0.28 8.72
N GLY B 108 23.98 0.83 9.18
CA GLY B 108 24.22 1.34 10.54
C GLY B 108 23.13 0.97 11.53
N GLU B 109 23.51 0.29 12.60
CA GLU B 109 22.63 0.07 13.75
C GLU B 109 22.75 1.26 14.68
N VAL B 110 21.64 1.98 14.87
CA VAL B 110 21.64 3.28 15.54
C VAL B 110 21.30 3.14 17.03
N THR B 111 22.17 3.68 17.88
CA THR B 111 22.12 3.53 19.33
C THR B 111 21.95 4.86 20.08
N GLU B 112 22.29 5.96 19.41
CA GLU B 112 21.97 7.32 19.86
C GLU B 112 20.84 7.88 18.99
N MET B 113 19.66 8.03 19.58
CA MET B 113 18.46 8.49 18.86
C MET B 113 17.69 9.54 19.69
N PRO B 114 18.22 10.79 19.76
CA PRO B 114 17.62 11.78 20.66
C PRO B 114 16.25 12.28 20.17
N ALA B 115 15.43 12.73 21.12
CA ALA B 115 14.07 13.22 20.86
C ALA B 115 14.00 14.22 19.68
N LEU B 116 14.81 15.26 19.74
CA LEU B 116 15.05 16.13 18.59
C LEU B 116 16.25 15.52 17.87
N PRO B 117 16.09 15.09 16.62
CA PRO B 117 14.86 15.28 15.85
C PRO B 117 13.97 14.04 15.67
N PHE B 118 14.37 12.89 16.20
CA PHE B 118 13.74 11.65 15.73
C PHE B 118 12.51 11.11 16.46
N MET B 119 12.11 11.78 17.55
CA MET B 119 10.73 11.66 18.07
C MET B 119 9.71 12.34 17.14
N LEU B 120 10.24 13.04 16.15
CA LEU B 120 9.47 13.71 15.10
C LEU B 120 9.18 12.74 13.93
N ALA B 121 9.96 11.65 13.86
CA ALA B 121 9.92 10.70 12.75
C ALA B 121 8.86 9.64 12.98
N GLU B 122 7.97 9.51 11.99
CA GLU B 122 7.03 8.39 11.93
C GLU B 122 7.69 7.13 11.37
N PHE B 123 8.86 7.31 10.78
CA PHE B 123 9.64 6.24 10.17
C PHE B 123 10.70 5.70 11.12
N ASP B 124 11.14 4.47 10.89
CA ASP B 124 12.19 3.86 11.69
C ASP B 124 13.58 4.34 11.27
N GLY B 125 13.87 4.26 9.97
CA GLY B 125 15.18 4.63 9.45
C GLY B 125 15.24 5.20 8.04
N VAL B 126 16.43 5.08 7.44
CA VAL B 126 16.75 5.70 6.15
C VAL B 126 17.47 4.70 5.26
N VAL B 127 17.07 4.66 3.99
CA VAL B 127 17.81 4.00 2.94
C VAL B 127 18.30 5.12 2.03
N GLY B 128 19.60 5.39 2.11
CA GLY B 128 20.25 6.43 1.31
C GLY B 128 20.33 6.04 -0.16
N MET B 129 19.80 6.90 -1.02
CA MET B 129 19.75 6.63 -2.46
C MET B 129 20.81 7.41 -3.24
N GLY B 130 21.78 7.97 -2.52
CA GLY B 130 22.88 8.75 -3.09
C GLY B 130 24.08 7.92 -3.52
N PHE B 131 25.14 8.62 -3.94
CA PHE B 131 26.37 8.02 -4.45
C PHE B 131 27.32 7.68 -3.31
N ILE B 132 28.23 6.72 -3.54
CA ILE B 132 29.30 6.36 -2.58
C ILE B 132 30.09 7.55 -2.02
N GLU B 133 30.29 8.58 -2.84
CA GLU B 133 31.07 9.78 -2.48
C GLU B 133 30.56 10.52 -1.24
N GLN B 134 29.27 10.40 -0.96
CA GLN B 134 28.69 10.98 0.25
C GLN B 134 28.19 9.93 1.24
N ALA B 135 28.76 8.73 1.16
CA ALA B 135 28.52 7.69 2.14
C ALA B 135 29.54 7.83 3.25
N ILE B 136 29.04 7.98 4.49
CA ILE B 136 29.90 8.05 5.66
C ILE B 136 30.52 6.68 5.91
N GLY B 137 31.87 6.67 5.91
CA GLY B 137 32.66 5.45 6.02
C GLY B 137 32.95 4.79 4.68
N ARG B 138 32.62 5.52 3.60
CA ARG B 138 32.73 5.05 2.20
C ARG B 138 32.01 3.70 1.95
N VAL B 139 31.00 3.42 2.78
CA VAL B 139 30.22 2.18 2.74
C VAL B 139 29.39 2.14 1.46
N THR B 140 29.53 1.06 0.69
CA THR B 140 28.76 0.87 -0.55
C THR B 140 27.26 1.10 -0.31
N PRO B 141 26.65 2.04 -1.06
CA PRO B 141 25.20 2.29 -1.00
C PRO B 141 24.37 1.12 -1.52
N ILE B 142 23.15 1.00 -1.03
CA ILE B 142 22.28 -0.14 -1.39
C ILE B 142 22.06 -0.28 -2.90
N PHE B 143 21.83 0.83 -3.59
CA PHE B 143 21.53 0.78 -5.01
C PHE B 143 22.73 0.31 -5.83
N ASP B 144 23.93 0.76 -5.46
CA ASP B 144 25.18 0.30 -6.10
C ASP B 144 25.35 -1.21 -6.00
N ASN B 145 25.01 -1.75 -4.82
CA ASN B 145 24.96 -3.19 -4.57
C ASN B 145 23.91 -3.91 -5.41
N ILE B 146 22.77 -3.25 -5.64
CA ILE B 146 21.72 -3.79 -6.52
C ILE B 146 22.15 -3.74 -7.99
N ILE B 147 22.83 -2.65 -8.39
CA ILE B 147 23.45 -2.56 -9.74
C ILE B 147 24.33 -3.80 -9.95
N SER B 148 25.24 -4.04 -9.00
CA SER B 148 26.18 -5.18 -8.99
C SER B 148 25.52 -6.54 -9.27
N GLN B 149 24.22 -6.65 -8.99
CA GLN B 149 23.50 -7.90 -9.16
C GLN B 149 23.10 -8.18 -10.60
N GLY B 150 22.92 -7.14 -11.40
CA GLY B 150 22.46 -7.25 -12.79
C GLY B 150 21.07 -7.86 -12.94
N VAL B 151 20.16 -7.47 -12.04
CA VAL B 151 18.79 -7.99 -12.06
C VAL B 151 17.80 -6.96 -12.62
N LEU B 152 18.15 -5.68 -12.49
CA LEU B 152 17.29 -4.56 -12.90
C LEU B 152 17.24 -4.36 -14.41
N LYS B 153 16.06 -3.94 -14.90
CA LYS B 153 15.88 -3.60 -16.31
C LYS B 153 16.71 -2.37 -16.71
N GLU B 154 16.75 -1.37 -15.84
CA GLU B 154 17.54 -0.14 -16.06
C GLU B 154 18.21 0.31 -14.75
N ASP B 155 19.39 0.91 -14.85
CA ASP B 155 20.10 1.48 -13.69
C ASP B 155 19.44 2.82 -13.29
N VAL B 156 18.24 2.70 -12.76
CA VAL B 156 17.28 3.79 -12.64
C VAL B 156 16.36 3.48 -11.47
N PHE B 157 15.91 4.54 -10.79
CA PHE B 157 14.83 4.42 -9.82
C PHE B 157 13.98 5.67 -9.83
N SER B 158 12.70 5.50 -9.52
CA SER B 158 11.72 6.56 -9.69
C SER B 158 10.84 6.72 -8.47
N PHE B 159 10.56 7.98 -8.14
CA PHE B 159 9.70 8.33 -7.01
C PHE B 159 8.39 8.93 -7.50
N TYR B 160 7.30 8.41 -6.92
CA TYR B 160 5.99 9.06 -6.93
C TYR B 160 5.59 9.47 -5.50
N TYR B 161 5.35 10.77 -5.29
CA TYR B 161 4.77 11.26 -4.01
C TYR B 161 3.37 11.82 -4.26
N ASN B 162 2.37 11.23 -3.60
CA ASN B 162 0.98 11.67 -3.73
C ASN B 162 0.64 12.79 -2.75
N ARG B 163 -0.46 13.49 -3.02
CA ARG B 163 -1.05 14.47 -2.11
C ARG B 163 -1.99 13.78 -1.10
N ASP B 164 -2.37 14.48 -0.03
CA ASP B 164 -3.36 14.05 0.99
C ASP B 164 -3.06 12.69 1.67
N SER B 168 -6.69 9.17 2.46
CA SER B 168 -5.94 7.92 2.64
C SER B 168 -6.55 6.69 1.92
N GLN B 169 -7.51 6.93 1.03
CA GLN B 169 -7.99 5.90 0.10
C GLN B 169 -7.31 5.97 -1.26
N SER B 170 -6.21 6.72 -1.31
CA SER B 170 -5.25 6.68 -2.39
C SER B 170 -3.88 6.36 -1.79
N LEU B 171 -3.07 5.58 -2.51
CA LEU B 171 -1.71 5.22 -2.06
C LEU B 171 -0.88 6.48 -1.82
N GLY B 172 -0.07 6.45 -0.77
CA GLY B 172 0.72 7.61 -0.35
C GLY B 172 1.81 7.97 -1.31
N GLY B 173 2.36 6.96 -1.98
CA GLY B 173 3.44 7.12 -2.93
C GLY B 173 4.05 5.79 -3.34
N GLN B 174 5.05 5.85 -4.22
CA GLN B 174 5.67 4.66 -4.81
C GLN B 174 7.07 4.93 -5.33
N ILE B 175 7.99 4.04 -4.96
CA ILE B 175 9.33 4.01 -5.52
C ILE B 175 9.51 2.73 -6.36
N VAL B 176 10.02 2.90 -7.59
CA VAL B 176 10.29 1.79 -8.49
C VAL B 176 11.79 1.68 -8.65
N LEU B 177 12.34 0.53 -8.32
CA LEU B 177 13.73 0.20 -8.61
C LEU B 177 13.80 -0.52 -9.95
N GLY B 178 14.46 0.09 -10.93
CA GLY B 178 14.63 -0.52 -12.25
C GLY B 178 13.83 0.13 -13.37
N GLY B 179 12.90 1.00 -13.01
CA GLY B 179 12.10 1.69 -13.99
C GLY B 179 11.18 2.75 -13.43
N SER B 180 10.07 2.97 -14.12
CA SER B 180 9.06 3.94 -13.73
C SER B 180 7.67 3.34 -13.85
N ASP B 181 6.70 3.94 -13.16
CA ASP B 181 5.30 3.56 -13.29
C ASP B 181 4.53 4.61 -14.09
N PRO B 182 4.17 4.29 -15.34
CA PRO B 182 3.39 5.24 -16.16
C PRO B 182 1.94 5.48 -15.68
N GLN B 183 1.44 4.70 -14.71
CA GLN B 183 0.18 5.03 -14.03
C GLN B 183 0.24 6.35 -13.26
N HIS B 184 1.46 6.76 -12.86
CA HIS B 184 1.63 7.91 -11.96
C HIS B 184 2.30 9.15 -12.55
N TYR B 185 2.47 9.15 -13.87
CA TYR B 185 2.82 10.35 -14.62
C TYR B 185 2.13 10.39 -15.98
N GLU B 186 2.23 11.52 -16.66
CA GLU B 186 1.70 11.68 -18.00
C GLU B 186 2.66 12.46 -18.88
N GLY B 187 2.69 12.11 -20.16
CA GLY B 187 3.71 12.59 -21.08
C GLY B 187 4.95 11.73 -20.93
N ASN B 188 6.06 12.20 -21.48
CA ASN B 188 7.36 11.55 -21.26
C ASN B 188 8.26 12.41 -20.39
N PHE B 189 9.35 11.82 -19.89
CA PHE B 189 10.31 12.57 -19.08
C PHE B 189 11.13 13.56 -19.90
N HIS B 190 11.44 14.69 -19.28
CA HIS B 190 12.53 15.55 -19.72
C HIS B 190 13.63 15.46 -18.65
N TYR B 191 14.85 15.19 -19.11
CA TYR B 191 15.97 14.95 -18.19
C TYR B 191 16.86 16.20 -18.06
N ILE B 192 17.36 16.41 -16.84
CA ILE B 192 18.39 17.42 -16.58
C ILE B 192 19.64 16.71 -16.06
N ASN B 193 20.77 16.96 -16.71
CA ASN B 193 22.04 16.30 -16.35
C ASN B 193 22.63 16.81 -15.05
N LEU B 194 23.30 15.93 -14.32
CA LEU B 194 23.96 16.31 -13.08
C LEU B 194 25.17 17.16 -13.41
N ILE B 195 25.43 18.19 -12.60
CA ILE B 195 26.64 19.02 -12.70
C ILE B 195 27.91 18.14 -12.66
N LYS B 196 27.94 17.21 -11.71
CA LYS B 196 29.02 16.25 -11.56
C LYS B 196 28.48 14.97 -10.93
N THR B 197 29.24 13.88 -11.06
CA THR B 197 28.91 12.64 -10.35
C THR B 197 29.08 12.85 -8.82
N GLY B 198 28.37 12.05 -8.04
CA GLY B 198 28.58 12.02 -6.59
C GLY B 198 27.45 12.59 -5.74
N VAL B 199 26.56 13.36 -6.37
CA VAL B 199 25.48 14.09 -5.70
C VAL B 199 24.36 14.33 -6.71
N TRP B 200 23.12 14.06 -6.30
CA TRP B 200 21.94 14.34 -7.11
C TRP B 200 21.63 15.83 -7.13
N GLN B 201 22.50 16.59 -7.79
CA GLN B 201 22.43 18.04 -7.80
C GLN B 201 22.53 18.55 -9.24
N ILE B 202 21.59 19.42 -9.60
CA ILE B 202 21.51 19.96 -10.95
C ILE B 202 21.62 21.48 -10.90
N GLN B 203 21.94 22.08 -12.05
CA GLN B 203 21.98 23.53 -12.18
C GLN B 203 20.59 24.07 -12.49
N MET B 204 20.21 25.07 -11.70
CA MET B 204 18.98 25.83 -11.89
C MET B 204 19.32 27.22 -12.46
N LYS B 205 18.56 27.65 -13.46
CA LYS B 205 18.85 28.92 -14.16
C LYS B 205 17.86 30.05 -13.83
N GLY B 206 17.07 29.89 -12.78
CA GLY B 206 16.13 30.94 -12.37
C GLY B 206 15.03 30.43 -11.47
N VAL B 207 14.59 31.27 -10.55
CA VAL B 207 13.35 31.02 -9.81
C VAL B 207 12.43 32.22 -10.01
N SER B 208 11.23 31.95 -10.53
CA SER B 208 10.28 33.00 -10.90
C SER B 208 9.03 33.08 -10.02
N VAL B 209 8.66 34.31 -9.69
CA VAL B 209 7.39 34.62 -9.07
C VAL B 209 6.58 35.37 -10.14
N GLY B 210 5.57 34.69 -10.69
CA GLY B 210 4.89 35.16 -11.91
C GLY B 210 5.81 35.04 -13.10
N SER B 211 5.72 36.00 -14.02
CA SER B 211 6.64 36.09 -15.18
C SER B 211 8.02 36.65 -14.79
N SER B 212 8.07 37.32 -13.64
CA SER B 212 9.26 37.98 -13.09
C SER B 212 10.24 37.02 -12.38
N THR B 213 11.50 37.02 -12.81
CA THR B 213 12.57 36.18 -12.23
C THR B 213 13.28 36.89 -11.07
N LEU B 214 12.80 36.62 -9.87
CA LEU B 214 13.35 37.22 -8.65
C LEU B 214 14.71 36.65 -8.24
N LEU B 215 14.89 35.34 -8.41
CA LEU B 215 16.06 34.66 -7.84
C LEU B 215 16.76 33.74 -8.83
N CYS B 216 18.01 33.37 -8.51
CA CYS B 216 18.94 32.64 -9.42
C CYS B 216 19.18 33.30 -10.76
N GLU B 217 19.09 34.63 -10.77
CA GLU B 217 19.32 35.44 -11.97
C GLU B 217 20.59 34.97 -12.69
N ASP B 218 21.61 34.61 -11.91
CA ASP B 218 22.93 34.19 -12.42
C ASP B 218 23.23 32.68 -12.30
N GLY B 219 22.22 31.88 -11.99
CA GLY B 219 22.40 30.44 -11.78
C GLY B 219 22.71 30.09 -10.34
N CYS B 220 22.47 28.82 -10.00
CA CYS B 220 22.49 28.32 -8.63
C CYS B 220 22.37 26.80 -8.65
N LEU B 221 22.46 26.19 -7.48
CA LEU B 221 22.42 24.72 -7.36
C LEU B 221 21.06 24.23 -6.89
N ALA B 222 20.66 23.07 -7.40
CA ALA B 222 19.38 22.45 -7.04
C ALA B 222 19.57 20.98 -6.76
N LEU B 223 19.53 20.63 -5.47
CA LEU B 223 19.61 19.25 -5.02
C LEU B 223 18.21 18.64 -5.08
N VAL B 224 18.05 17.58 -5.88
CA VAL B 224 16.76 16.88 -5.94
C VAL B 224 16.71 15.87 -4.79
N ASP B 225 16.01 16.25 -3.73
CA ASP B 225 16.13 15.60 -2.42
C ASP B 225 14.84 14.89 -1.95
N THR B 226 14.76 13.58 -2.18
CA THR B 226 13.56 12.79 -1.83
C THR B 226 13.31 12.63 -0.33
N GLY B 227 14.32 12.93 0.48
CA GLY B 227 14.19 12.89 1.94
C GLY B 227 13.92 14.24 2.60
N ALA B 228 13.88 15.31 1.80
CA ALA B 228 13.49 16.63 2.25
C ALA B 228 11.97 16.80 2.12
N SER B 229 11.35 17.42 3.12
CA SER B 229 9.90 17.59 3.10
C SER B 229 9.48 18.68 2.12
N TYR B 230 10.25 19.76 2.06
CA TYR B 230 9.83 20.98 1.39
C TYR B 230 10.73 21.34 0.23
N ILE B 231 10.34 22.36 -0.55
CA ILE B 231 11.29 23.08 -1.40
C ILE B 231 12.00 24.03 -0.44
N SER B 232 13.33 24.03 -0.49
CA SER B 232 14.08 24.96 0.32
C SER B 232 15.08 25.74 -0.50
N GLY B 233 15.44 26.92 0.00
CA GLY B 233 16.60 27.68 -0.46
C GLY B 233 17.33 28.24 0.76
N SER B 234 18.35 29.06 0.52
CA SER B 234 19.07 29.74 1.61
C SER B 234 18.16 30.74 2.34
N THR B 235 18.44 31.01 3.62
CA THR B 235 17.69 32.00 4.42
C THR B 235 17.47 33.29 3.62
N SER B 236 18.55 33.78 3.01
CA SER B 236 18.52 34.94 2.13
C SER B 236 17.50 34.81 0.97
N SER B 237 17.55 33.69 0.25
CA SER B 237 16.68 33.44 -0.91
C SER B 237 15.20 33.45 -0.54
N ILE B 238 14.88 32.67 0.49
CA ILE B 238 13.50 32.44 0.93
C ILE B 238 12.89 33.71 1.51
N GLU B 239 13.70 34.50 2.21
CA GLU B 239 13.28 35.83 2.67
C GLU B 239 12.73 36.64 1.50
N LYS B 240 13.54 36.78 0.45
CA LYS B 240 13.17 37.48 -0.80
C LYS B 240 11.94 36.88 -1.47
N LEU B 241 11.83 35.55 -1.43
CA LEU B 241 10.70 34.84 -2.00
C LEU B 241 9.40 35.13 -1.26
N MET B 242 9.48 35.12 0.07
CA MET B 242 8.32 35.31 0.92
C MET B 242 7.86 36.76 0.93
N GLU B 243 8.82 37.69 0.78
CA GLU B 243 8.53 39.11 0.67
C GLU B 243 7.80 39.39 -0.65
N ALA B 244 8.22 38.70 -1.71
CA ALA B 244 7.60 38.82 -3.03
C ALA B 244 6.17 38.27 -3.03
N LEU B 245 5.96 37.19 -2.29
CA LEU B 245 4.66 36.54 -2.17
C LEU B 245 3.68 37.25 -1.23
N GLY B 246 4.22 38.01 -0.27
CA GLY B 246 3.42 38.67 0.76
C GLY B 246 3.27 37.87 2.05
N ALA B 247 4.10 36.85 2.21
CA ALA B 247 4.04 35.91 3.35
C ALA B 247 4.91 36.37 4.52
N LYS B 248 4.34 36.29 5.74
CA LYS B 248 5.01 36.71 6.97
C LYS B 248 5.44 35.50 7.83
N LYS B 249 6.48 35.68 8.63
CA LYS B 249 7.04 34.62 9.47
C LYS B 249 6.38 34.60 10.86
N ARG B 250 5.88 33.42 11.25
CA ARG B 250 5.12 33.24 12.49
C ARG B 250 6.01 33.03 13.75
N ASP B 253 7.96 29.51 10.95
CA ASP B 253 7.21 29.15 9.74
C ASP B 253 6.62 30.36 9.00
N TYR B 254 6.59 30.26 7.67
CA TYR B 254 5.98 31.30 6.82
C TYR B 254 4.50 31.04 6.54
N VAL B 255 3.68 32.07 6.74
CA VAL B 255 2.21 31.96 6.63
C VAL B 255 1.58 32.97 5.66
N VAL B 256 0.41 32.60 5.14
CA VAL B 256 -0.52 33.53 4.50
C VAL B 256 -1.91 33.33 5.09
N LYS B 257 -2.75 34.37 5.00
CA LYS B 257 -4.19 34.23 5.23
C LYS B 257 -4.69 33.14 4.29
N CYS B 258 -5.44 32.16 4.83
CA CYS B 258 -5.83 30.97 4.05
C CYS B 258 -6.59 31.30 2.76
N ASN B 259 -7.53 32.23 2.87
CA ASN B 259 -8.31 32.76 1.75
C ASN B 259 -7.48 33.48 0.68
N GLU B 260 -6.32 33.98 1.07
CA GLU B 260 -5.42 34.70 0.16
C GLU B 260 -4.52 33.80 -0.67
N GLY B 261 -4.45 32.51 -0.30
CA GLY B 261 -3.68 31.51 -1.04
C GLY B 261 -3.90 31.48 -2.55
N PRO B 262 -5.17 31.30 -3.01
CA PRO B 262 -5.48 31.26 -4.45
C PRO B 262 -5.11 32.52 -5.26
N THR B 263 -4.75 33.61 -4.59
CA THR B 263 -4.32 34.86 -5.25
C THR B 263 -2.80 34.91 -5.47
N LEU B 264 -2.07 33.94 -4.90
CA LEU B 264 -0.62 33.97 -4.96
C LEU B 264 -0.07 33.48 -6.32
N PRO B 265 0.97 34.16 -6.84
CA PRO B 265 1.53 33.85 -8.16
C PRO B 265 2.19 32.47 -8.23
N ASP B 266 2.27 31.93 -9.44
CA ASP B 266 2.96 30.68 -9.67
C ASP B 266 4.44 30.84 -9.34
N ILE B 267 5.06 29.78 -8.80
CA ILE B 267 6.51 29.74 -8.68
C ILE B 267 7.06 28.74 -9.69
N SER B 268 7.93 29.24 -10.56
CA SER B 268 8.59 28.43 -11.59
C SER B 268 10.07 28.20 -11.31
N PHE B 269 10.54 27.01 -11.65
CA PHE B 269 11.92 26.62 -11.45
C PHE B 269 12.53 26.28 -12.80
N HIS B 270 13.53 27.06 -13.20
CA HIS B 270 14.17 26.86 -14.49
C HIS B 270 15.25 25.77 -14.48
N LEU B 271 14.87 24.57 -14.93
CA LEU B 271 15.78 23.42 -14.98
C LEU B 271 15.89 22.85 -16.39
N GLY B 272 17.12 22.85 -16.91
CA GLY B 272 17.43 22.27 -18.21
C GLY B 272 16.62 22.82 -19.36
N GLY B 273 16.54 24.15 -19.42
CA GLY B 273 15.88 24.85 -20.53
C GLY B 273 14.37 24.92 -20.43
N LYS B 274 13.79 24.19 -19.47
CA LYS B 274 12.35 24.17 -19.24
C LYS B 274 11.96 24.85 -17.91
N GLU B 275 10.73 25.37 -17.87
CA GLU B 275 10.14 25.95 -16.67
C GLU B 275 9.26 24.93 -15.93
N TYR B 276 9.65 24.59 -14.71
CA TYR B 276 8.88 23.67 -13.86
C TYR B 276 8.07 24.46 -12.85
N THR B 277 6.77 24.57 -13.12
CA THR B 277 5.88 25.54 -12.49
C THR B 277 4.98 24.93 -11.41
N LEU B 278 4.97 25.58 -10.24
CA LEU B 278 4.05 25.25 -9.17
C LEU B 278 3.07 26.40 -8.90
N THR B 279 1.77 26.09 -8.97
CA THR B 279 0.70 27.03 -8.58
C THR B 279 0.60 27.04 -7.06
N SER B 280 -0.03 28.09 -6.51
CA SER B 280 -0.20 28.18 -5.06
C SER B 280 -0.95 26.98 -4.46
N ALA B 281 -1.78 26.31 -5.24
CA ALA B 281 -2.40 25.03 -4.84
C ALA B 281 -1.35 23.97 -4.52
N ASP B 282 -0.27 23.96 -5.31
CA ASP B 282 0.87 23.05 -5.13
C ASP B 282 1.81 23.41 -3.99
N TYR B 283 1.82 24.69 -3.55
CA TYR B 283 2.78 25.12 -2.51
C TYR B 283 2.22 25.70 -1.21
N VAL B 284 0.91 25.97 -1.17
CA VAL B 284 0.26 26.40 0.07
C VAL B 284 -0.51 25.22 0.65
N PHE B 285 -0.27 24.92 1.92
CA PHE B 285 -1.09 23.93 2.65
C PHE B 285 -2.48 24.52 2.85
N GLN B 286 -3.38 24.23 1.92
CA GLN B 286 -4.73 24.82 1.96
C GLN B 286 -5.66 23.99 2.83
N GLU B 287 -5.46 24.09 4.15
CA GLU B 287 -6.31 23.42 5.14
C GLU B 287 -7.74 23.99 5.10
N SER B 288 -7.86 25.25 4.70
CA SER B 288 -9.13 25.94 4.42
C SER B 288 -8.93 27.05 3.40
N TYR B 289 -10.01 27.62 2.89
CA TYR B 289 -9.97 28.93 2.22
C TYR B 289 -10.51 30.00 3.15
N SER B 290 -10.39 29.80 4.46
CA SER B 290 -10.96 30.70 5.47
C SER B 290 -10.25 32.04 5.54
N SER B 291 -11.02 33.11 5.68
CA SER B 291 -10.48 34.44 5.96
C SER B 291 -10.01 34.56 7.42
N LYS B 292 -10.40 33.60 8.24
CA LYS B 292 -10.21 33.63 9.69
C LYS B 292 -9.00 32.79 10.15
N LYS B 293 -8.47 31.97 9.24
CA LYS B 293 -7.38 31.03 9.54
C LYS B 293 -6.09 31.36 8.77
N LEU B 294 -4.93 30.94 9.32
CA LEU B 294 -3.62 31.13 8.69
C LEU B 294 -3.07 29.82 8.13
N CYS B 295 -2.60 29.86 6.89
CA CYS B 295 -2.11 28.67 6.20
C CYS B 295 -0.60 28.72 5.98
N THR B 296 0.07 27.58 6.21
CA THR B 296 1.52 27.50 6.04
C THR B 296 1.91 27.22 4.59
N LEU B 297 3.13 27.60 4.22
CA LEU B 297 3.66 27.30 2.89
C LEU B 297 4.61 26.11 2.95
N ALA B 298 4.57 25.28 1.91
CA ALA B 298 5.43 24.10 1.80
C ALA B 298 6.83 24.45 1.28
N ILE B 299 7.34 25.60 1.72
CA ILE B 299 8.66 26.11 1.36
C ILE B 299 9.30 26.66 2.65
N HIS B 300 10.53 26.23 2.92
CA HIS B 300 11.30 26.66 4.09
C HIS B 300 12.69 27.14 3.72
N ALA B 301 13.28 27.99 4.56
CA ALA B 301 14.70 28.29 4.47
C ALA B 301 15.47 27.11 5.03
N MET B 302 16.49 26.68 4.31
CA MET B 302 17.45 25.71 4.83
C MET B 302 18.83 26.06 4.31
N ASP B 303 19.74 26.34 5.23
CA ASP B 303 21.13 26.60 4.87
C ASP B 303 21.94 25.31 4.95
N ILE B 304 22.16 24.73 3.78
CA ILE B 304 22.99 23.52 3.64
C ILE B 304 24.45 23.99 3.56
N PRO B 305 25.36 23.40 4.38
CA PRO B 305 26.77 23.84 4.33
C PRO B 305 27.55 23.29 3.10
N PRO B 306 28.73 23.91 2.80
CA PRO B 306 29.70 23.33 1.85
C PRO B 306 30.16 21.92 2.26
N PRO B 307 30.49 21.04 1.30
CA PRO B 307 30.55 21.37 -0.14
C PRO B 307 29.20 21.34 -0.89
N THR B 308 28.19 20.68 -0.32
CA THR B 308 26.88 20.56 -0.98
C THR B 308 26.15 21.90 -1.17
N GLY B 309 26.34 22.84 -0.24
CA GLY B 309 25.63 24.13 -0.27
C GLY B 309 26.53 25.37 -0.24
N PRO B 310 25.96 26.58 -0.37
CA PRO B 310 24.49 26.80 -0.46
C PRO B 310 23.87 26.19 -1.69
N THR B 311 22.69 25.62 -1.52
CA THR B 311 21.92 25.01 -2.59
C THR B 311 20.44 25.06 -2.27
N TRP B 312 19.62 25.12 -3.30
CA TRP B 312 18.20 24.81 -3.14
C TRP B 312 18.09 23.29 -3.02
N ALA B 313 17.05 22.85 -2.31
CA ALA B 313 16.66 21.45 -2.29
C ALA B 313 15.24 21.36 -2.79
N LEU B 314 15.01 20.43 -3.71
CA LEU B 314 13.67 20.17 -4.23
C LEU B 314 13.11 18.90 -3.57
N GLY B 315 12.41 19.11 -2.47
CA GLY B 315 11.88 18.02 -1.66
C GLY B 315 10.50 17.56 -2.09
N ALA B 316 9.75 16.99 -1.15
CA ALA B 316 8.45 16.40 -1.42
C ALA B 316 7.47 17.31 -2.17
N THR B 317 7.53 18.62 -1.89
CA THR B 317 6.70 19.63 -2.56
C THR B 317 6.86 19.61 -4.08
N PHE B 318 8.11 19.53 -4.55
CA PHE B 318 8.41 19.49 -5.97
C PHE B 318 8.04 18.16 -6.59
N ILE B 319 8.42 17.08 -5.91
CA ILE B 319 8.18 15.70 -6.37
C ILE B 319 6.68 15.37 -6.49
N ARG B 320 5.87 15.91 -5.57
CA ARG B 320 4.43 15.77 -5.63
C ARG B 320 3.91 16.24 -6.97
N LYS B 321 4.48 17.34 -7.46
CA LYS B 321 4.10 17.91 -8.75
C LYS B 321 4.75 17.15 -9.92
N PHE B 322 6.04 16.87 -9.79
CA PHE B 322 6.76 16.22 -10.86
C PHE B 322 7.30 14.86 -10.45
N TYR B 323 6.66 13.81 -10.97
CA TYR B 323 7.16 12.45 -10.88
C TYR B 323 8.64 12.42 -11.28
N THR B 324 9.46 11.83 -10.42
CA THR B 324 10.91 11.95 -10.56
C THR B 324 11.61 10.62 -10.79
N GLU B 325 12.44 10.57 -11.84
CA GLU B 325 13.28 9.42 -12.11
C GLU B 325 14.76 9.79 -11.99
N PHE B 326 15.51 8.96 -11.27
CA PHE B 326 16.94 9.16 -11.01
C PHE B 326 17.72 8.15 -11.83
N ASP B 327 18.54 8.66 -12.75
CA ASP B 327 19.23 7.83 -13.76
C ASP B 327 20.71 7.69 -13.44
N ARG B 328 21.08 6.54 -12.90
CA ARG B 328 22.47 6.25 -12.54
C ARG B 328 23.33 5.85 -13.74
N ARG B 329 22.70 5.39 -14.81
CA ARG B 329 23.41 5.05 -16.04
C ARG B 329 23.94 6.31 -16.74
N ASN B 330 23.17 7.40 -16.63
CA ASN B 330 23.42 8.61 -17.40
C ASN B 330 23.72 9.88 -16.57
N ASN B 331 23.72 9.74 -15.24
CA ASN B 331 23.85 10.89 -14.30
C ASN B 331 22.94 12.06 -14.66
N ARG B 332 21.65 11.76 -14.72
CA ARG B 332 20.62 12.75 -15.01
C ARG B 332 19.38 12.46 -14.16
N ILE B 333 18.55 13.49 -14.01
CA ILE B 333 17.28 13.39 -13.31
C ILE B 333 16.14 13.71 -14.29
N GLY B 334 15.17 12.79 -14.37
CA GLY B 334 14.01 12.97 -15.23
C GLY B 334 12.78 13.45 -14.49
N PHE B 335 12.02 14.31 -15.16
CA PHE B 335 10.75 14.80 -14.64
C PHE B 335 9.63 14.63 -15.65
N ALA B 336 8.47 14.26 -15.14
CA ALA B 336 7.22 14.30 -15.87
C ALA B 336 6.17 14.71 -14.88
N LEU B 337 5.04 15.21 -15.39
CA LEU B 337 3.95 15.65 -14.55
C LEU B 337 3.30 14.47 -13.83
N ALA B 338 3.25 14.54 -12.50
CA ALA B 338 2.62 13.50 -11.68
C ALA B 338 1.12 13.43 -11.91
N ARG B 339 0.54 12.24 -11.76
CA ARG B 339 -0.91 12.05 -11.76
C ARG B 339 -1.35 11.01 -10.74
C1 NAG C . -33.46 -29.68 -9.34
C2 NAG C . -34.45 -30.61 -10.08
C3 NAG C . -34.31 -32.07 -9.62
C4 NAG C . -32.86 -32.56 -9.60
C5 NAG C . -31.98 -31.55 -8.84
C6 NAG C . -30.50 -31.95 -8.78
C7 NAG C . -36.57 -29.63 -10.91
C8 NAG C . -37.99 -29.34 -10.55
N2 NAG C . -35.84 -30.21 -9.95
O3 NAG C . -35.10 -32.90 -10.50
O4 NAG C . -32.80 -33.87 -9.00
O5 NAG C . -32.12 -30.24 -9.42
O6 NAG C . -29.92 -32.00 -10.09
O7 NAG C . -36.13 -29.34 -12.02
C4 74Y D . -21.50 -8.40 3.28
C5 74Y D . -20.17 -8.54 2.81
C6 74Y D . -19.51 -9.87 2.76
C10 74Y D . -22.08 -10.87 0.91
C13 74Y D . -19.98 -13.26 1.89
C15 74Y D . -19.46 -7.38 2.42
C17 74Y D . -17.80 -7.08 0.58
C20 74Y D . -14.73 -8.11 -1.19
C21 74Y D . -14.33 -8.15 0.08
C1 74Y D . -21.93 -4.66 2.95
C2 74Y D . -21.32 -6.04 2.92
C3 74Y D . -22.09 -7.13 3.32
O7 74Y D . -18.77 -10.14 3.69
N8 74Y D . -19.69 -10.77 1.73
C9 74Y D . -20.61 -10.47 0.59
C11 74Y D . -22.26 -12.35 1.20
C12 74Y D . -21.32 -12.82 2.31
C14 74Y D . -19.01 -12.06 1.77
N16 74Y D . -18.13 -7.48 1.96
C18 74Y D . -16.43 -7.53 0.11
C19 74Y D . -16.08 -7.71 -1.17
O22 74Y D . -15.36 -7.79 0.87
N23 74Y D . -20.07 -6.19 2.49
C1 PEG E . -43.83 -9.87 4.05
O1 PEG E . -43.75 -10.14 2.64
C2 PEG E . -42.49 -10.19 4.69
O2 PEG E . -41.47 -9.42 4.07
C3 PEG E . -40.63 -8.78 5.03
C4 PEG E . -40.30 -7.37 4.54
O4 PEG E . -39.40 -6.75 5.45
C1 PEG F . 5.95 -12.37 2.18
O1 PEG F . 6.56 -12.50 3.46
C2 PEG F . 5.99 -13.71 1.45
O2 PEG F . 6.80 -13.57 0.27
C3 PEG F . 6.99 -14.80 -0.41
C4 PEG F . 8.47 -15.09 -0.66
O4 PEG F . 8.68 -16.51 -0.75
C1 PEG G . -2.23 -11.22 -18.01
O1 PEG G . -1.82 -12.59 -17.93
C2 PEG G . -3.66 -11.09 -17.51
O2 PEG G . -4.54 -10.88 -18.60
C3 PEG G . -5.52 -11.92 -18.73
C4 PEG G . -6.61 -11.47 -19.72
O4 PEG G . -6.45 -12.18 -20.96
C1 NAG H . 33.78 -3.38 8.56
C2 NAG H . 35.24 -3.82 8.75
C3 NAG H . 36.23 -2.90 8.02
C4 NAG H . 35.81 -2.66 6.56
C5 NAG H . 34.36 -2.18 6.50
C6 NAG H . 33.88 -1.97 5.06
C7 NAG H . 35.61 -5.02 10.88
C8 NAG H . 35.98 -4.85 12.33
N2 NAG H . 35.58 -3.90 10.17
O3 NAG H . 37.54 -3.48 8.06
O4 NAG H . 36.69 -1.71 5.96
O5 NAG H . 33.49 -3.11 7.17
O6 NAG H . 34.44 -0.76 4.53
O7 NAG H . 35.37 -6.13 10.42
C4 74Y I . 14.33 14.13 9.64
C5 74Y I . 14.03 14.21 8.27
C6 74Y I . 15.11 14.31 7.26
C10 74Y I . 15.87 11.18 8.00
C13 74Y I . 18.03 13.06 6.17
C15 74Y I . 12.68 14.19 7.87
C17 74Y I . 10.97 13.94 6.10
C20 74Y I . 10.57 11.69 3.21
C21 74Y I . 10.59 12.89 2.61
C1 74Y I . 10.86 13.95 11.07
C2 74Y I . 12.00 14.03 10.10
C3 74Y I . 13.30 14.05 10.58
O7 74Y I . 15.53 15.43 7.03
N8 74Y I . 15.60 13.23 6.57
C9 74Y I . 15.07 11.88 6.86
C11 74Y I . 17.34 11.58 8.12
C12 74Y I . 18.06 11.70 6.77
C14 74Y I . 16.65 13.41 5.58
N16 74Y I . 12.34 14.24 6.52
C18 74Y I . 10.83 13.24 4.77
C19 74Y I . 10.71 11.91 4.60
O22 74Y I . 10.75 13.83 3.57
N23 74Y I . 11.72 14.10 8.81
C1 PGE J . 27.99 8.39 -16.89
O1 PGE J . 28.17 7.85 -15.57
C2 PGE J . 28.11 9.90 -16.83
O2 PGE J . 26.96 10.51 -17.42
C3 PGE J . 27.31 11.59 -18.27
C4 PGE J . 26.61 12.88 -17.85
O4 PGE J . 29.18 15.56 -15.22
C6 PGE J . 28.20 14.55 -15.03
C5 PGE J . 27.30 14.49 -16.26
O3 PGE J . 26.91 13.14 -16.48
C1 PEG K . 9.15 33.14 -17.56
O1 PEG K . 10.09 34.02 -16.94
C2 PEG K . 8.83 31.98 -16.64
O2 PEG K . 7.43 31.85 -16.47
C3 PEG K . 6.89 30.68 -17.10
C4 PEG K . 5.49 30.41 -16.59
O4 PEG K . 4.68 31.58 -16.71
#